data_6AKX
#
_entry.id   6AKX
#
_cell.length_a   72.640
_cell.length_b   102.740
_cell.length_c   136.870
_cell.angle_alpha   90.00
_cell.angle_beta   90.00
_cell.angle_gamma   90.00
#
_symmetry.space_group_name_H-M   'P 21 21 21'
#
loop_
_entity.id
_entity.type
_entity.pdbx_description
1 polymer 'C-C chemokine receptor type 5,Rubredoxin,C-C chemokine receptor type 5'
2 non-polymer 'ZINC ION'
3 non-polymer 'NITRATE ION'
4 non-polymer N-[(1S)-3-{(3-exo)-3-[3-methyl-5-(propan-2-yl)-4H-1,2,4-triazol-4-yl]-8-azabicyclo[3.2.1]octan-8-yl}-1-(thiophen-2-yl)propyl]cyclopentanecarboxamide
5 water water
#
_entity_poly.entity_id   1
_entity_poly.type   'polypeptide(L)'
_entity_poly.pdbx_seq_one_letter_code
;GAPDYQVSSPIYDINYYTSEPCQKINVKQIAARLLPPLYSLVFIFGFVGNMLVILILINYKRLKSMTDIYLLNLAISDLF
FLLTVPFWAHYAAAQWDFGNTMCQLLTGLYFIGFFSGIFFIILLTIDRYLAVVHAVFALKARTVTFGVVTSVITWVVAVF
ASLPNIIFTRSQKEGLHYTCSSHFPYSQYQFWKNFQTLKIVILGLVLPLLVMVICYSGILKTLLRMKKYTCTVCGYIYNP
EDGDPDNGVNPGTDFKDIPDDWVCPLCGVGKDQFEEVEEEKKRHRDVRLIFTIMIVYFLFWAPYNIVLLLNTFQEFFGLN
NCSSSNRLDQAMQVTETLGMTHCCINPIIYAFVGEEFRNYLLVFFQKHIAKRGRPLEVLFQ
;
_entity_poly.pdbx_strand_id   A,B
#
loop_
_chem_comp.id
_chem_comp.type
_chem_comp.name
_chem_comp.formula
A4R non-polymer N-[(1S)-3-{(3-exo)-3-[3-methyl-5-(propan-2-yl)-4H-1,2,4-triazol-4-yl]-8-azabicyclo[3.2.1]octan-8-yl}-1-(thiophen-2-yl)propyl]cyclopentanecarboxamide 'C26 H39 N5 O S'
NO3 non-polymer 'NITRATE ION' 'N O3 -1'
ZN non-polymer 'ZINC ION' 'Zn 2'
#
# COMPACT_ATOMS: atom_id res chain seq x y z
N LYS A 24 11.86 35.07 3.60
CA LYS A 24 11.25 33.76 3.38
C LYS A 24 10.89 33.52 1.90
N ILE A 25 10.86 32.24 1.47
CA ILE A 25 10.51 31.84 0.10
C ILE A 25 9.00 31.64 -0.04
N ASN A 26 8.41 32.22 -1.11
CA ASN A 26 6.98 32.10 -1.38
C ASN A 26 6.66 30.78 -2.07
N VAL A 27 6.08 29.86 -1.29
CA VAL A 27 5.62 28.56 -1.75
C VAL A 27 4.10 28.61 -1.93
N LYS A 28 3.46 29.73 -1.50
CA LYS A 28 2.01 29.98 -1.57
C LYS A 28 1.44 29.83 -2.99
N GLN A 29 2.18 30.32 -4.01
CA GLN A 29 1.78 30.21 -5.43
C GLN A 29 1.72 28.72 -5.85
N ILE A 30 2.67 27.89 -5.35
CA ILE A 30 2.78 26.44 -5.58
C ILE A 30 1.70 25.67 -4.79
N ALA A 31 1.52 26.01 -3.48
CA ALA A 31 0.57 25.42 -2.53
C ALA A 31 -0.88 25.61 -2.94
N ALA A 32 -1.17 26.70 -3.68
CA ALA A 32 -2.49 27.02 -4.20
C ALA A 32 -2.88 26.06 -5.32
N ARG A 33 -1.88 25.52 -6.05
CA ARG A 33 -2.06 24.56 -7.15
C ARG A 33 -2.09 23.10 -6.63
N LEU A 34 -1.19 22.78 -5.67
CA LEU A 34 -0.99 21.44 -5.15
C LEU A 34 -1.96 20.97 -4.09
N LEU A 35 -2.15 21.76 -3.01
CA LEU A 35 -2.96 21.35 -1.86
C LEU A 35 -4.47 21.16 -2.15
N PRO A 36 -5.18 22.08 -2.84
CA PRO A 36 -6.62 21.84 -3.07
C PRO A 36 -6.99 20.45 -3.66
N PRO A 37 -6.35 19.90 -4.76
CA PRO A 37 -6.75 18.55 -5.23
C PRO A 37 -6.39 17.43 -4.23
N LEU A 38 -5.22 17.57 -3.56
CA LEU A 38 -4.75 16.62 -2.55
C LEU A 38 -5.73 16.52 -1.39
N TYR A 39 -6.13 17.67 -0.81
CA TYR A 39 -7.04 17.75 0.33
C TYR A 39 -8.45 17.27 -0.01
N SER A 40 -8.85 17.39 -1.28
CA SER A 40 -10.16 16.96 -1.77
C SER A 40 -10.27 15.44 -1.81
N LEU A 41 -9.18 14.74 -2.27
CA LEU A 41 -9.15 13.27 -2.34
C LEU A 41 -9.22 12.69 -0.94
N VAL A 42 -8.34 13.18 -0.04
CA VAL A 42 -8.26 12.79 1.37
C VAL A 42 -9.62 12.96 2.05
N PHE A 43 -10.31 14.11 1.83
CA PHE A 43 -11.63 14.35 2.40
C PHE A 43 -12.64 13.30 1.94
N ILE A 44 -12.77 13.06 0.60
CA ILE A 44 -13.70 12.08 0.02
C ILE A 44 -13.42 10.67 0.55
N PHE A 45 -12.20 10.14 0.29
CA PHE A 45 -11.77 8.81 0.70
C PHE A 45 -11.97 8.60 2.21
N GLY A 46 -11.48 9.56 3.01
CA GLY A 46 -11.59 9.56 4.46
C GLY A 46 -13.00 9.68 5.02
N PHE A 47 -13.87 10.49 4.37
CA PHE A 47 -15.25 10.66 4.81
C PHE A 47 -16.05 9.38 4.57
N VAL A 48 -15.93 8.79 3.36
CA VAL A 48 -16.58 7.54 2.95
C VAL A 48 -16.09 6.40 3.89
N GLY A 49 -14.77 6.25 4.00
CA GLY A 49 -14.14 5.24 4.86
C GLY A 49 -14.59 5.25 6.31
N ASN A 50 -14.50 6.43 6.99
CA ASN A 50 -14.90 6.58 8.40
C ASN A 50 -16.39 6.45 8.62
N MET A 51 -17.21 6.87 7.63
CA MET A 51 -18.67 6.74 7.69
C MET A 51 -19.09 5.28 7.68
N LEU A 52 -18.45 4.46 6.80
CA LEU A 52 -18.70 3.04 6.69
C LEU A 52 -18.37 2.34 8.00
N VAL A 53 -17.24 2.71 8.62
CA VAL A 53 -16.83 2.15 9.90
C VAL A 53 -17.95 2.39 10.95
N ILE A 54 -18.46 3.63 11.01
CA ILE A 54 -19.49 4.08 11.94
C ILE A 54 -20.82 3.34 11.72
N LEU A 55 -21.25 3.18 10.45
CA LEU A 55 -22.52 2.46 10.22
C LEU A 55 -22.39 0.97 10.54
N ILE A 56 -21.22 0.36 10.25
CA ILE A 56 -20.94 -1.05 10.56
C ILE A 56 -20.96 -1.28 12.08
N LEU A 57 -20.28 -0.42 12.87
CA LEU A 57 -20.24 -0.52 14.33
C LEU A 57 -21.60 -0.34 15.03
N ILE A 58 -22.47 0.55 14.53
CA ILE A 58 -23.77 0.79 15.16
C ILE A 58 -24.84 -0.21 14.68
N ASN A 59 -24.88 -0.49 13.36
CA ASN A 59 -25.89 -1.37 12.73
C ASN A 59 -25.53 -2.87 12.73
N TYR A 60 -24.39 -3.27 12.12
CA TYR A 60 -23.94 -4.67 12.06
C TYR A 60 -23.49 -5.22 13.41
N LYS A 61 -22.38 -4.67 13.96
CA LYS A 61 -21.77 -5.03 15.25
C LYS A 61 -22.62 -4.65 16.48
N ARG A 62 -23.45 -3.59 16.37
CA ARG A 62 -24.40 -3.08 17.36
C ARG A 62 -23.79 -2.57 18.72
N LEU A 63 -22.45 -2.33 18.79
CA LEU A 63 -21.73 -1.81 19.96
C LEU A 63 -21.94 -2.64 21.24
N LYS A 64 -21.53 -3.91 21.22
CA LYS A 64 -21.71 -4.83 22.34
C LYS A 64 -20.49 -4.87 23.30
N SER A 65 -19.32 -4.34 22.89
CA SER A 65 -18.14 -4.33 23.75
C SER A 65 -17.57 -2.93 23.98
N MET A 66 -16.67 -2.81 24.98
CA MET A 66 -15.93 -1.61 25.38
C MET A 66 -15.06 -1.16 24.20
N THR A 67 -14.44 -2.14 23.50
CA THR A 67 -13.62 -1.96 22.31
C THR A 67 -14.43 -1.22 21.24
N ASP A 68 -15.69 -1.67 21.01
CA ASP A 68 -16.63 -1.13 20.03
C ASP A 68 -16.99 0.34 20.29
N ILE A 69 -17.02 0.76 21.58
CA ILE A 69 -17.28 2.15 21.96
C ILE A 69 -16.07 3.03 21.55
N TYR A 70 -14.84 2.63 21.93
CA TYR A 70 -13.63 3.36 21.58
C TYR A 70 -13.38 3.44 20.07
N LEU A 71 -13.74 2.39 19.31
CA LEU A 71 -13.57 2.38 17.85
C LEU A 71 -14.48 3.44 17.19
N LEU A 72 -15.70 3.57 17.69
CA LEU A 72 -16.70 4.53 17.21
C LEU A 72 -16.19 5.95 17.48
N ASN A 73 -15.73 6.18 18.71
CA ASN A 73 -15.19 7.46 19.12
C ASN A 73 -13.95 7.84 18.34
N LEU A 74 -13.07 6.86 18.04
CA LEU A 74 -11.89 7.10 17.21
C LEU A 74 -12.36 7.53 15.81
N ALA A 75 -13.38 6.83 15.26
CA ALA A 75 -13.96 7.13 13.95
C ALA A 75 -14.58 8.52 13.87
N ILE A 76 -15.13 9.01 15.00
CA ILE A 76 -15.68 10.36 15.13
C ILE A 76 -14.52 11.37 15.12
N SER A 77 -13.46 11.14 15.94
CA SER A 77 -12.27 12.01 16.02
C SER A 77 -11.69 12.25 14.63
N ASP A 78 -11.65 11.18 13.79
CA ASP A 78 -11.16 11.28 12.43
C ASP A 78 -12.09 12.16 11.59
N LEU A 79 -13.43 12.04 11.79
CA LEU A 79 -14.43 12.84 11.08
C LEU A 79 -14.36 14.33 11.40
N PHE A 80 -14.36 14.72 12.70
CA PHE A 80 -14.24 16.12 13.11
C PHE A 80 -13.05 16.77 12.41
N PHE A 81 -11.89 16.10 12.46
CA PHE A 81 -10.62 16.48 11.84
C PHE A 81 -10.78 16.62 10.33
N LEU A 82 -11.53 15.68 9.69
CA LEU A 82 -11.80 15.62 8.24
C LEU A 82 -12.60 16.80 7.73
N LEU A 83 -13.63 17.25 8.50
CA LEU A 83 -14.51 18.37 8.13
C LEU A 83 -13.73 19.69 7.93
N THR A 84 -12.60 19.84 8.63
CA THR A 84 -11.74 21.02 8.56
C THR A 84 -10.95 21.07 7.25
N VAL A 85 -10.67 19.88 6.68
CA VAL A 85 -9.87 19.67 5.47
C VAL A 85 -10.42 20.48 4.25
N PRO A 86 -11.74 20.48 3.90
CA PRO A 86 -12.19 21.31 2.75
C PRO A 86 -11.95 22.81 2.92
N PHE A 87 -11.89 23.30 4.19
CA PHE A 87 -11.63 24.70 4.57
C PHE A 87 -10.16 25.08 4.38
N TRP A 88 -9.22 24.18 4.74
CA TRP A 88 -7.79 24.36 4.55
C TRP A 88 -7.46 24.33 3.06
N ALA A 89 -8.24 23.55 2.29
CA ALA A 89 -8.12 23.42 0.84
C ALA A 89 -8.47 24.75 0.16
N HIS A 90 -9.64 25.34 0.51
CA HIS A 90 -10.10 26.62 -0.01
C HIS A 90 -9.17 27.76 0.35
N TYR A 91 -8.70 27.78 1.61
CA TYR A 91 -7.76 28.78 2.13
C TYR A 91 -6.41 28.74 1.34
N ALA A 92 -5.95 27.53 0.94
CA ALA A 92 -4.74 27.33 0.12
C ALA A 92 -4.99 27.91 -1.29
N ALA A 93 -6.17 27.59 -1.88
CA ALA A 93 -6.65 28.00 -3.19
C ALA A 93 -6.76 29.52 -3.28
N ALA A 94 -7.59 30.12 -2.42
CA ALA A 94 -7.89 31.55 -2.37
C ALA A 94 -7.32 32.23 -1.12
N GLN A 95 -8.19 32.48 -0.12
CA GLN A 95 -7.87 33.14 1.14
C GLN A 95 -8.90 32.71 2.18
N TRP A 96 -8.79 33.24 3.43
CA TRP A 96 -9.72 32.91 4.50
C TRP A 96 -11.06 33.63 4.33
N ASP A 97 -12.00 32.97 3.65
CA ASP A 97 -13.33 33.54 3.38
C ASP A 97 -14.42 33.09 4.35
N PHE A 98 -14.04 32.45 5.46
CA PHE A 98 -15.00 31.89 6.40
C PHE A 98 -15.20 32.75 7.66
N GLY A 99 -14.31 33.70 7.91
CA GLY A 99 -14.45 34.60 9.06
C GLY A 99 -13.79 34.11 10.34
N ASN A 100 -13.87 34.95 11.39
CA ASN A 100 -13.23 34.70 12.68
C ASN A 100 -13.72 33.49 13.46
N THR A 101 -15.05 33.34 13.66
CA THR A 101 -15.60 32.22 14.42
C THR A 101 -15.19 30.90 13.78
N MET A 102 -15.40 30.79 12.47
CA MET A 102 -15.04 29.66 11.63
C MET A 102 -13.55 29.32 11.76
N CYS A 103 -12.68 30.35 11.70
CA CYS A 103 -11.24 30.19 11.89
C CYS A 103 -10.93 29.53 13.25
N GLN A 104 -11.55 30.01 14.34
CA GLN A 104 -11.38 29.46 15.69
C GLN A 104 -12.02 28.07 15.88
N LEU A 105 -13.17 27.83 15.22
CA LEU A 105 -13.92 26.56 15.23
C LEU A 105 -13.13 25.47 14.57
N LEU A 106 -12.71 25.70 13.31
CA LEU A 106 -11.99 24.72 12.50
C LEU A 106 -10.61 24.45 13.06
N THR A 107 -9.93 25.48 13.60
CA THR A 107 -8.65 25.27 14.29
C THR A 107 -8.95 24.42 15.55
N GLY A 108 -10.04 24.73 16.25
CA GLY A 108 -10.51 24.00 17.43
C GLY A 108 -10.79 22.53 17.17
N LEU A 109 -11.63 22.24 16.14
CA LEU A 109 -12.00 20.89 15.70
C LEU A 109 -10.78 20.07 15.25
N TYR A 110 -9.79 20.75 14.65
CA TYR A 110 -8.55 20.15 14.17
C TYR A 110 -7.76 19.62 15.38
N PHE A 111 -7.60 20.46 16.43
CA PHE A 111 -6.86 20.14 17.64
C PHE A 111 -7.60 19.10 18.48
N ILE A 112 -8.95 19.22 18.58
CA ILE A 112 -9.81 18.30 19.33
C ILE A 112 -9.73 16.94 18.66
N GLY A 113 -9.95 16.90 17.32
CA GLY A 113 -9.84 15.72 16.49
C GLY A 113 -8.48 15.04 16.61
N PHE A 114 -7.40 15.84 16.74
CA PHE A 114 -6.03 15.35 16.91
C PHE A 114 -5.83 14.68 18.27
N PHE A 115 -6.09 15.42 19.37
CA PHE A 115 -5.93 14.97 20.75
C PHE A 115 -6.80 13.79 21.10
N SER A 116 -8.12 13.88 20.83
CA SER A 116 -9.03 12.78 21.12
C SER A 116 -8.66 11.53 20.30
N GLY A 117 -8.19 11.72 19.08
CA GLY A 117 -7.75 10.63 18.20
C GLY A 117 -6.69 9.77 18.84
N ILE A 118 -5.61 10.41 19.32
CA ILE A 118 -4.51 9.68 19.96
C ILE A 118 -4.92 9.18 21.36
N PHE A 119 -5.82 9.92 22.06
CA PHE A 119 -6.34 9.50 23.37
C PHE A 119 -7.12 8.19 23.23
N PHE A 120 -7.90 8.04 22.13
CA PHE A 120 -8.68 6.83 21.86
C PHE A 120 -7.78 5.68 21.39
N ILE A 121 -6.63 5.97 20.75
CA ILE A 121 -5.65 4.94 20.37
C ILE A 121 -5.00 4.40 21.69
N ILE A 122 -4.69 5.31 22.66
CA ILE A 122 -4.19 4.97 24.00
C ILE A 122 -5.23 4.13 24.77
N LEU A 123 -6.52 4.57 24.81
CA LEU A 123 -7.66 3.87 25.46
C LEU A 123 -7.91 2.48 24.87
N LEU A 124 -7.64 2.28 23.55
CA LEU A 124 -7.78 0.96 22.91
C LEU A 124 -6.66 0.03 23.38
N THR A 125 -5.44 0.56 23.51
CA THR A 125 -4.26 -0.15 24.01
C THR A 125 -4.50 -0.58 25.48
N ILE A 126 -4.96 0.35 26.36
CA ILE A 126 -5.23 0.06 27.76
C ILE A 126 -6.32 -1.02 27.89
N ASP A 127 -7.36 -0.93 27.05
CA ASP A 127 -8.48 -1.88 26.96
C ASP A 127 -7.93 -3.31 26.65
N ARG A 128 -6.99 -3.41 25.70
CA ARG A 128 -6.37 -4.70 25.35
C ARG A 128 -5.48 -5.20 26.47
N TYR A 129 -4.74 -4.28 27.15
CA TYR A 129 -3.88 -4.62 28.29
C TYR A 129 -4.74 -5.17 29.43
N LEU A 130 -5.94 -4.65 29.59
CA LEU A 130 -6.84 -5.18 30.61
C LEU A 130 -7.39 -6.58 30.21
N ALA A 131 -7.92 -6.72 28.99
CA ALA A 131 -8.47 -7.97 28.49
C ALA A 131 -7.46 -9.14 28.49
N VAL A 132 -6.22 -8.90 28.03
CA VAL A 132 -5.15 -9.88 27.92
C VAL A 132 -4.40 -10.11 29.27
N VAL A 133 -3.79 -9.05 29.85
CA VAL A 133 -2.97 -9.11 31.08
C VAL A 133 -3.82 -9.37 32.36
N HIS A 134 -4.95 -8.67 32.56
CA HIS A 134 -5.78 -8.83 33.77
C HIS A 134 -7.16 -9.40 33.41
N ALA A 135 -7.16 -10.53 32.68
CA ALA A 135 -8.30 -11.23 32.08
C ALA A 135 -9.51 -11.44 33.01
N VAL A 136 -9.28 -11.95 34.23
CA VAL A 136 -10.35 -12.22 35.20
C VAL A 136 -10.99 -10.89 35.68
N PHE A 137 -10.15 -9.85 35.95
CA PHE A 137 -10.61 -8.51 36.34
C PHE A 137 -11.41 -7.84 35.22
N ALA A 138 -10.88 -7.91 33.98
CA ALA A 138 -11.48 -7.39 32.75
C ALA A 138 -12.94 -7.82 32.56
N LEU A 139 -13.30 -9.05 32.98
CA LEU A 139 -14.69 -9.55 32.92
C LEU A 139 -15.60 -8.67 33.76
N LYS A 140 -15.09 -8.20 34.92
CA LYS A 140 -15.81 -7.32 35.82
C LYS A 140 -15.76 -5.84 35.34
N ALA A 141 -14.57 -5.35 34.90
CA ALA A 141 -14.28 -3.94 34.52
C ALA A 141 -14.68 -3.48 33.10
N ARG A 142 -14.51 -4.33 32.08
CA ARG A 142 -14.81 -3.97 30.70
C ARG A 142 -16.31 -4.09 30.38
N THR A 143 -17.05 -2.96 30.47
CA THR A 143 -18.50 -2.85 30.14
C THR A 143 -18.75 -1.73 29.11
N VAL A 144 -19.91 -1.75 28.41
CA VAL A 144 -20.26 -0.74 27.42
C VAL A 144 -20.32 0.64 28.08
N THR A 145 -21.00 0.70 29.23
CA THR A 145 -21.20 1.90 30.04
C THR A 145 -19.89 2.46 30.61
N PHE A 146 -18.91 1.62 31.03
CA PHE A 146 -17.64 2.18 31.52
C PHE A 146 -16.86 2.80 30.33
N GLY A 147 -16.98 2.18 29.16
CA GLY A 147 -16.39 2.65 27.91
C GLY A 147 -17.02 3.96 27.49
N VAL A 148 -18.35 4.06 27.65
CA VAL A 148 -19.07 5.29 27.34
C VAL A 148 -18.63 6.40 28.30
N VAL A 149 -18.62 6.14 29.63
CA VAL A 149 -18.22 7.12 30.66
C VAL A 149 -16.82 7.65 30.40
N THR A 150 -15.85 6.75 30.09
CA THR A 150 -14.47 7.14 29.80
C THR A 150 -14.33 7.95 28.52
N SER A 151 -15.19 7.69 27.50
CA SER A 151 -15.16 8.44 26.24
C SER A 151 -15.52 9.91 26.44
N VAL A 152 -16.59 10.19 27.22
CA VAL A 152 -17.01 11.56 27.51
C VAL A 152 -15.90 12.35 28.24
N ILE A 153 -15.24 11.71 29.24
CA ILE A 153 -14.11 12.29 29.98
C ILE A 153 -13.01 12.66 29.00
N THR A 154 -12.67 11.72 28.08
CA THR A 154 -11.66 11.89 27.03
C THR A 154 -11.97 13.12 26.17
N TRP A 155 -13.23 13.26 25.74
CA TRP A 155 -13.67 14.39 24.94
C TRP A 155 -13.50 15.70 25.71
N VAL A 156 -13.87 15.72 27.02
CA VAL A 156 -13.72 16.91 27.86
C VAL A 156 -12.23 17.27 27.95
N VAL A 157 -11.36 16.28 28.24
CA VAL A 157 -9.90 16.49 28.32
C VAL A 157 -9.37 17.06 27.00
N ALA A 158 -9.81 16.50 25.84
CA ALA A 158 -9.36 16.95 24.52
C ALA A 158 -9.74 18.41 24.21
N VAL A 159 -11.01 18.79 24.48
CA VAL A 159 -11.51 20.16 24.31
C VAL A 159 -10.63 21.11 25.16
N PHE A 160 -10.41 20.78 26.45
CA PHE A 160 -9.57 21.61 27.35
C PHE A 160 -8.07 21.60 26.96
N ALA A 161 -7.60 20.57 26.25
CA ALA A 161 -6.21 20.50 25.77
C ALA A 161 -6.05 21.40 24.52
N SER A 162 -7.14 21.62 23.79
CA SER A 162 -7.18 22.40 22.57
C SER A 162 -7.44 23.87 22.83
N LEU A 163 -8.19 24.18 23.90
CA LEU A 163 -8.60 25.53 24.33
C LEU A 163 -7.48 26.60 24.33
N PRO A 164 -6.23 26.39 24.86
CA PRO A 164 -5.22 27.48 24.77
C PRO A 164 -4.90 27.86 23.33
N ASN A 165 -4.84 26.87 22.45
CA ASN A 165 -4.56 27.01 21.03
C ASN A 165 -5.67 27.79 20.29
N ILE A 166 -6.96 27.52 20.63
CA ILE A 166 -8.14 28.22 20.07
C ILE A 166 -8.10 29.73 20.40
N ILE A 167 -7.63 30.09 21.63
CA ILE A 167 -7.49 31.45 22.16
C ILE A 167 -6.66 32.36 21.23
N PHE A 168 -5.44 31.92 20.83
CA PHE A 168 -4.50 32.66 19.97
C PHE A 168 -4.88 32.73 18.49
N THR A 169 -5.81 31.88 18.04
CA THR A 169 -6.22 31.81 16.64
C THR A 169 -7.25 32.86 16.30
N ARG A 170 -7.06 33.53 15.14
CA ARG A 170 -7.97 34.56 14.65
C ARG A 170 -7.84 34.82 13.15
N SER A 171 -8.90 35.40 12.58
CA SER A 171 -8.97 35.83 11.20
C SER A 171 -8.57 37.29 11.20
N GLN A 172 -7.78 37.72 10.22
CA GLN A 172 -7.33 39.10 10.08
C GLN A 172 -6.97 39.45 8.65
N LYS A 173 -7.24 40.71 8.25
CA LYS A 173 -6.90 41.19 6.93
C LYS A 173 -5.50 41.79 7.00
N GLU A 174 -4.55 41.15 6.32
CA GLU A 174 -3.17 41.60 6.27
C GLU A 174 -3.01 42.25 4.89
N GLY A 175 -3.16 43.57 4.87
CA GLY A 175 -3.12 44.36 3.65
C GLY A 175 -4.40 44.15 2.85
N LEU A 176 -4.34 43.27 1.85
CA LEU A 176 -5.45 42.95 0.96
C LEU A 176 -6.07 41.55 1.14
N HIS A 177 -5.33 40.61 1.73
CA HIS A 177 -5.80 39.24 1.89
C HIS A 177 -6.10 38.81 3.31
N TYR A 178 -7.16 38.00 3.46
CA TYR A 178 -7.61 37.43 4.73
C TYR A 178 -6.87 36.13 5.07
N THR A 179 -6.35 36.07 6.29
CA THR A 179 -5.58 34.93 6.81
C THR A 179 -6.24 34.31 8.03
N CYS A 180 -5.96 33.02 8.27
CA CYS A 180 -6.41 32.31 9.45
C CYS A 180 -5.18 31.66 10.02
N SER A 181 -4.72 32.20 11.15
CA SER A 181 -3.51 31.78 11.84
C SER A 181 -3.60 32.08 13.34
N SER A 182 -2.64 31.56 14.11
CA SER A 182 -2.53 31.83 15.53
C SER A 182 -1.42 32.89 15.67
N HIS A 183 -1.67 33.94 16.45
CA HIS A 183 -0.69 35.00 16.66
C HIS A 183 -0.43 35.15 18.17
N PHE A 184 0.84 34.92 18.57
CA PHE A 184 1.32 34.98 19.95
C PHE A 184 1.82 36.38 20.28
N PRO A 185 1.58 36.91 21.53
CA PRO A 185 2.06 38.26 21.87
C PRO A 185 3.59 38.39 21.75
N TYR A 186 4.06 39.35 20.93
CA TYR A 186 5.48 39.58 20.60
C TYR A 186 6.46 39.47 21.80
N SER A 187 6.07 40.01 22.97
CA SER A 187 6.86 40.02 24.20
C SER A 187 6.97 38.62 24.88
N GLN A 188 6.16 37.64 24.41
CA GLN A 188 6.10 36.27 24.92
C GLN A 188 6.14 35.19 23.81
N TYR A 189 6.39 35.61 22.55
CA TYR A 189 6.41 34.77 21.35
C TYR A 189 7.25 33.49 21.47
N GLN A 190 8.54 33.59 21.90
CA GLN A 190 9.39 32.40 22.06
C GLN A 190 8.78 31.44 23.10
N PHE A 191 8.25 31.97 24.23
CA PHE A 191 7.63 31.15 25.27
C PHE A 191 6.46 30.33 24.70
N TRP A 192 5.54 30.98 23.98
CA TRP A 192 4.36 30.32 23.41
C TRP A 192 4.72 29.23 22.41
N LYS A 193 5.67 29.49 21.47
CA LYS A 193 6.15 28.51 20.50
C LYS A 193 6.75 27.33 21.24
N ASN A 194 7.55 27.61 22.31
CA ASN A 194 8.18 26.60 23.17
C ASN A 194 7.14 25.72 23.86
N PHE A 195 6.17 26.34 24.54
CA PHE A 195 5.12 25.68 25.30
C PHE A 195 4.18 24.87 24.42
N GLN A 196 3.62 25.49 23.36
CA GLN A 196 2.68 24.81 22.44
C GLN A 196 3.33 23.64 21.67
N THR A 197 4.67 23.66 21.51
CA THR A 197 5.45 22.58 20.91
C THR A 197 5.48 21.39 21.89
N LEU A 198 5.78 21.65 23.18
CA LEU A 198 5.88 20.61 24.21
C LEU A 198 4.52 19.97 24.56
N LYS A 199 3.40 20.70 24.40
CA LYS A 199 2.05 20.16 24.61
C LYS A 199 1.75 19.10 23.52
N ILE A 200 2.09 19.41 22.25
CA ILE A 200 1.86 18.54 21.09
C ILE A 200 2.80 17.34 21.11
N VAL A 201 4.06 17.52 21.48
CA VAL A 201 5.05 16.44 21.52
C VAL A 201 4.81 15.50 22.70
N ILE A 202 4.53 16.03 23.90
CA ILE A 202 4.27 15.20 25.07
C ILE A 202 3.02 14.38 24.78
N LEU A 203 1.88 15.04 24.49
CA LEU A 203 0.58 14.42 24.22
C LEU A 203 0.49 13.56 22.94
N GLY A 204 1.15 13.97 21.86
CA GLY A 204 1.10 13.32 20.55
C GLY A 204 2.20 12.36 20.15
N LEU A 205 3.32 12.32 20.92
CA LEU A 205 4.43 11.40 20.66
C LEU A 205 4.91 10.66 21.90
N VAL A 206 5.29 11.41 22.96
CA VAL A 206 5.84 10.88 24.21
C VAL A 206 4.82 10.04 24.99
N LEU A 207 3.60 10.57 25.25
CA LEU A 207 2.52 9.89 25.98
C LEU A 207 2.09 8.60 25.29
N PRO A 208 1.75 8.57 23.97
CA PRO A 208 1.41 7.27 23.37
C PRO A 208 2.57 6.28 23.35
N LEU A 209 3.83 6.76 23.25
CA LEU A 209 5.02 5.89 23.24
C LEU A 209 5.23 5.13 24.56
N LEU A 210 5.01 5.80 25.73
CA LEU A 210 5.13 5.18 27.05
C LEU A 210 4.00 4.20 27.25
N VAL A 211 2.81 4.54 26.72
CA VAL A 211 1.61 3.71 26.76
C VAL A 211 1.89 2.45 25.92
N MET A 212 2.55 2.61 24.77
CA MET A 212 2.90 1.48 23.91
C MET A 212 3.93 0.55 24.56
N VAL A 213 5.02 1.09 25.08
CA VAL A 213 6.09 0.29 25.66
C VAL A 213 5.62 -0.48 26.92
N ILE A 214 4.99 0.22 27.89
CA ILE A 214 4.46 -0.35 29.14
C ILE A 214 3.40 -1.42 28.87
N CYS A 215 2.40 -1.10 28.02
CA CYS A 215 1.31 -2.01 27.74
C CYS A 215 1.72 -3.20 26.91
N TYR A 216 2.36 -3.02 25.76
CA TYR A 216 2.74 -4.15 24.92
C TYR A 216 3.87 -5.03 25.56
N SER A 217 4.51 -4.54 26.64
CA SER A 217 5.46 -5.33 27.41
C SER A 217 4.66 -6.41 28.15
N GLY A 218 3.60 -6.00 28.86
CA GLY A 218 2.71 -6.88 29.59
C GLY A 218 1.92 -7.81 28.68
N ILE A 219 1.41 -7.28 27.55
CA ILE A 219 0.63 -8.03 26.58
C ILE A 219 1.48 -9.14 25.97
N LEU A 220 2.70 -8.79 25.50
CA LEU A 220 3.62 -9.76 24.90
C LEU A 220 4.05 -10.83 25.90
N LYS A 221 4.30 -10.45 27.17
CA LYS A 221 4.68 -11.40 28.23
C LYS A 221 3.55 -12.39 28.58
N THR A 222 2.27 -11.94 28.54
CA THR A 222 1.10 -12.78 28.80
C THR A 222 0.87 -13.71 27.62
N LEU A 223 0.96 -13.18 26.39
CA LEU A 223 0.77 -13.92 25.15
C LEU A 223 1.75 -15.09 25.05
N LEU A 224 3.03 -14.84 25.39
CA LEU A 224 4.08 -15.84 25.34
C LEU A 224 3.97 -16.88 26.45
N ARG A 225 3.80 -16.44 27.71
CA ARG A 225 3.66 -17.37 28.83
C ARG A 225 2.42 -18.29 28.72
N MET A 226 1.48 -17.96 27.80
CA MET A 226 0.23 -18.70 27.57
C MET A 226 0.20 -19.43 26.22
N LYS A 227 1.31 -19.36 25.45
CA LYS A 227 1.45 -20.02 24.14
C LYS A 227 1.48 -21.56 24.28
N LYS A 228 0.62 -22.24 23.51
CA LYS A 228 0.58 -23.70 23.42
C LYS A 228 1.60 -24.12 22.36
N TYR A 229 2.25 -25.28 22.55
CA TYR A 229 3.23 -25.81 21.61
C TYR A 229 2.93 -27.26 21.40
N THR A 230 2.90 -27.65 20.12
CA THR A 230 2.59 -29.00 19.67
C THR A 230 3.83 -29.74 19.16
N CYS A 231 3.93 -31.03 19.51
CA CYS A 231 5.00 -31.90 19.06
C CYS A 231 4.75 -32.24 17.59
N THR A 232 5.74 -32.02 16.73
CA THR A 232 5.64 -32.29 15.29
C THR A 232 5.69 -33.78 14.97
N VAL A 233 6.19 -34.60 15.91
CA VAL A 233 6.32 -36.04 15.75
C VAL A 233 5.01 -36.79 16.07
N CYS A 234 4.50 -36.69 17.32
CA CYS A 234 3.32 -37.38 17.82
C CYS A 234 2.04 -36.55 17.84
N GLY A 235 2.13 -35.22 17.81
CA GLY A 235 0.95 -34.37 17.83
C GLY A 235 0.54 -33.87 19.20
N TYR A 236 1.24 -34.34 20.29
CA TYR A 236 1.03 -33.94 21.69
C TYR A 236 0.96 -32.40 21.78
N ILE A 237 0.06 -31.84 22.62
CA ILE A 237 -0.07 -30.39 22.79
C ILE A 237 0.30 -30.01 24.20
N TYR A 238 1.36 -29.21 24.36
CA TYR A 238 1.76 -28.70 25.66
C TYR A 238 0.94 -27.44 25.95
N ASN A 239 0.25 -27.43 27.10
CA ASN A 239 -0.53 -26.27 27.48
C ASN A 239 0.06 -25.69 28.77
N PRO A 240 0.50 -24.40 28.77
CA PRO A 240 1.11 -23.83 29.97
C PRO A 240 0.26 -23.93 31.23
N GLU A 241 -1.07 -23.77 31.08
CA GLU A 241 -2.11 -23.82 32.13
C GLU A 241 -2.08 -25.16 32.86
N ASP A 242 -1.89 -26.26 32.09
CA ASP A 242 -1.80 -27.62 32.60
C ASP A 242 -0.38 -27.96 33.08
N GLY A 243 0.62 -27.65 32.25
CA GLY A 243 2.00 -28.00 32.51
C GLY A 243 2.22 -29.44 32.10
N ASP A 244 3.08 -30.15 32.86
CA ASP A 244 3.41 -31.58 32.72
C ASP A 244 3.86 -32.02 34.14
N PRO A 245 2.93 -32.01 35.15
CA PRO A 245 3.35 -32.25 36.55
C PRO A 245 3.96 -33.62 36.85
N ASP A 246 3.59 -34.66 36.08
CA ASP A 246 4.16 -35.98 36.27
C ASP A 246 5.65 -35.99 35.92
N ASN A 247 6.10 -35.01 35.10
CA ASN A 247 7.50 -34.84 34.68
C ASN A 247 8.20 -33.63 35.31
N GLY A 248 7.71 -33.18 36.47
CA GLY A 248 8.31 -32.07 37.21
C GLY A 248 7.96 -30.66 36.78
N VAL A 249 7.24 -30.50 35.65
CA VAL A 249 6.80 -29.20 35.11
C VAL A 249 5.47 -28.74 35.75
N ASN A 250 5.56 -27.86 36.77
CA ASN A 250 4.41 -27.32 37.50
C ASN A 250 3.43 -26.59 36.57
N PRO A 251 2.09 -26.67 36.80
CA PRO A 251 1.17 -25.89 35.96
C PRO A 251 1.53 -24.39 35.95
N GLY A 252 1.17 -23.72 34.87
CA GLY A 252 1.47 -22.31 34.69
C GLY A 252 2.93 -22.07 34.35
N THR A 253 3.49 -22.89 33.45
CA THR A 253 4.88 -22.76 33.04
C THR A 253 4.94 -22.50 31.56
N ASP A 254 5.63 -21.38 31.16
CA ASP A 254 5.86 -21.04 29.75
C ASP A 254 6.73 -22.18 29.25
N PHE A 255 6.37 -22.73 28.06
CA PHE A 255 7.09 -23.83 27.43
C PHE A 255 8.56 -23.45 27.23
N LYS A 256 8.81 -22.15 26.97
CA LYS A 256 10.14 -21.58 26.77
C LYS A 256 10.99 -21.65 28.02
N ASP A 257 10.36 -21.71 29.21
CA ASP A 257 11.06 -21.80 30.51
C ASP A 257 11.31 -23.22 30.96
N ILE A 258 10.83 -24.23 30.22
CA ILE A 258 11.05 -25.63 30.59
C ILE A 258 12.53 -25.99 30.27
N PRO A 259 13.29 -26.62 31.22
CA PRO A 259 14.67 -27.03 30.91
C PRO A 259 14.76 -27.88 29.63
N ASP A 260 15.88 -27.80 28.88
CA ASP A 260 16.06 -28.54 27.60
C ASP A 260 16.32 -30.07 27.75
N ASP A 261 16.31 -30.60 28.99
CA ASP A 261 16.45 -32.04 29.29
C ASP A 261 15.06 -32.74 29.33
N TRP A 262 13.99 -31.95 29.11
CA TRP A 262 12.59 -32.38 29.09
C TRP A 262 12.27 -32.91 27.70
N VAL A 263 11.50 -33.99 27.67
CA VAL A 263 11.08 -34.60 26.43
C VAL A 263 9.56 -34.75 26.40
N CYS A 264 9.02 -34.87 25.18
CA CYS A 264 7.61 -35.06 24.91
C CYS A 264 7.06 -36.23 25.74
N PRO A 265 5.98 -35.99 26.53
CA PRO A 265 5.40 -37.09 27.34
C PRO A 265 4.92 -38.30 26.53
N LEU A 266 4.54 -38.09 25.24
CA LEU A 266 4.07 -39.17 24.36
C LEU A 266 5.21 -39.90 23.63
N CYS A 267 5.81 -39.29 22.60
CA CYS A 267 6.86 -39.91 21.78
C CYS A 267 8.31 -39.77 22.31
N GLY A 268 8.52 -39.05 23.42
CA GLY A 268 9.83 -38.88 24.05
C GLY A 268 10.91 -38.08 23.33
N VAL A 269 10.53 -37.21 22.36
CA VAL A 269 11.47 -36.34 21.63
C VAL A 269 11.69 -35.00 22.36
N GLY A 270 12.82 -34.34 22.11
CA GLY A 270 13.18 -33.06 22.72
C GLY A 270 12.40 -31.86 22.24
N LYS A 271 12.58 -30.72 22.95
CA LYS A 271 11.90 -29.42 22.68
C LYS A 271 12.08 -28.90 21.25
N ASP A 272 13.16 -29.32 20.59
CA ASP A 272 13.54 -28.90 19.23
C ASP A 272 12.45 -29.23 18.21
N GLN A 273 11.78 -30.38 18.44
CA GLN A 273 10.68 -30.91 17.63
C GLN A 273 9.35 -30.21 17.88
N PHE A 274 9.27 -29.28 18.83
CA PHE A 274 8.04 -28.57 19.13
C PHE A 274 7.84 -27.29 18.33
N GLU A 275 6.62 -27.15 17.81
CA GLU A 275 6.14 -26.03 16.99
C GLU A 275 5.07 -25.26 17.77
N GLU A 276 5.08 -23.93 17.61
CA GLU A 276 4.14 -22.99 18.21
C GLU A 276 2.72 -23.20 17.66
N VAL A 277 1.70 -23.25 18.54
CA VAL A 277 0.30 -23.40 18.13
C VAL A 277 -0.22 -21.97 17.80
N GLU A 278 -0.98 -21.81 16.69
CA GLU A 278 -1.56 -20.52 16.31
C GLU A 278 -2.63 -20.13 17.33
N GLU A 279 -2.72 -18.81 17.66
CA GLU A 279 -3.66 -18.27 18.65
C GLU A 279 -5.10 -18.74 18.47
N GLU A 280 -5.68 -19.22 19.56
CA GLU A 280 -7.06 -19.70 19.59
C GLU A 280 -7.95 -18.64 20.23
N LYS A 281 -7.49 -17.99 21.31
CA LYS A 281 -8.25 -16.97 22.04
C LYS A 281 -8.47 -15.72 21.19
N LYS A 282 -9.75 -15.32 21.00
CA LYS A 282 -10.17 -14.15 20.20
C LYS A 282 -9.60 -12.88 20.79
N ARG A 283 -9.62 -12.76 22.14
CA ARG A 283 -9.09 -11.63 22.90
C ARG A 283 -7.60 -11.41 22.70
N HIS A 284 -6.87 -12.49 22.37
CA HIS A 284 -5.45 -12.50 22.08
C HIS A 284 -5.28 -12.12 20.61
N ARG A 285 -6.18 -12.60 19.73
CA ARG A 285 -6.15 -12.35 18.30
C ARG A 285 -6.38 -10.88 17.94
N ASP A 286 -7.25 -10.20 18.73
CA ASP A 286 -7.63 -8.78 18.62
C ASP A 286 -6.45 -7.83 18.87
N VAL A 287 -5.34 -8.35 19.43
CA VAL A 287 -4.15 -7.55 19.73
C VAL A 287 -3.52 -7.04 18.45
N ARG A 288 -3.46 -7.89 17.38
CA ARG A 288 -2.86 -7.55 16.08
C ARG A 288 -3.42 -6.25 15.51
N LEU A 289 -4.76 -6.08 15.55
CA LEU A 289 -5.46 -4.89 15.06
C LEU A 289 -5.08 -3.61 15.80
N ILE A 290 -5.26 -3.61 17.14
CA ILE A 290 -5.01 -2.46 18.01
C ILE A 290 -3.52 -2.05 17.96
N PHE A 291 -2.59 -2.98 17.77
CA PHE A 291 -1.16 -2.66 17.66
C PHE A 291 -0.84 -2.03 16.29
N THR A 292 -1.55 -2.48 15.22
CA THR A 292 -1.39 -1.96 13.85
C THR A 292 -1.84 -0.49 13.80
N ILE A 293 -2.98 -0.17 14.45
CA ILE A 293 -3.53 1.18 14.55
C ILE A 293 -2.48 2.14 15.11
N MET A 294 -1.88 1.78 16.27
CA MET A 294 -0.85 2.57 16.95
C MET A 294 0.43 2.73 16.13
N ILE A 295 0.96 1.66 15.52
CA ILE A 295 2.18 1.73 14.71
C ILE A 295 1.99 2.62 13.47
N VAL A 296 0.81 2.52 12.80
CA VAL A 296 0.47 3.33 11.64
C VAL A 296 0.35 4.81 12.04
N TYR A 297 -0.22 5.09 13.24
CA TYR A 297 -0.31 6.45 13.79
C TYR A 297 1.09 7.08 13.87
N PHE A 298 2.07 6.32 14.38
CA PHE A 298 3.43 6.81 14.51
C PHE A 298 4.10 7.04 13.15
N LEU A 299 3.74 6.26 12.08
CA LEU A 299 4.34 6.47 10.75
C LEU A 299 3.87 7.79 10.15
N PHE A 300 2.63 8.18 10.45
CA PHE A 300 2.09 9.40 9.89
C PHE A 300 2.36 10.62 10.75
N TRP A 301 2.42 10.46 12.07
CA TRP A 301 2.57 11.60 12.95
C TRP A 301 3.94 11.76 13.66
N ALA A 302 4.75 10.69 13.84
CA ALA A 302 6.10 10.89 14.41
C ALA A 302 6.94 11.82 13.48
N PRO A 303 6.82 11.78 12.11
CA PRO A 303 7.59 12.73 11.28
C PRO A 303 7.34 14.20 11.60
N TYR A 304 6.07 14.62 11.80
CA TYR A 304 5.75 16.00 12.15
C TYR A 304 6.28 16.35 13.53
N ASN A 305 6.02 15.50 14.52
CA ASN A 305 6.46 15.65 15.90
C ASN A 305 7.96 15.93 16.03
N ILE A 306 8.81 15.17 15.30
CA ILE A 306 10.28 15.31 15.33
C ILE A 306 10.72 16.63 14.65
N VAL A 307 10.17 16.95 13.43
CA VAL A 307 10.41 18.19 12.67
C VAL A 307 9.94 19.42 13.50
N LEU A 308 8.76 19.35 14.16
CA LEU A 308 8.24 20.42 15.02
C LEU A 308 9.21 20.68 16.18
N LEU A 309 9.69 19.63 16.84
CA LEU A 309 10.64 19.71 17.94
C LEU A 309 12.00 20.29 17.45
N LEU A 310 12.43 19.90 16.23
CA LEU A 310 13.65 20.32 15.55
C LEU A 310 13.60 21.81 15.17
N ASN A 311 12.43 22.29 14.71
CA ASN A 311 12.20 23.66 14.28
C ASN A 311 12.28 24.61 15.50
N THR A 312 11.24 24.59 16.38
CA THR A 312 11.13 25.41 17.59
C THR A 312 12.39 25.43 18.47
N PHE A 313 12.84 24.25 18.94
CA PHE A 313 13.95 24.13 19.88
C PHE A 313 15.31 23.91 19.26
N GLN A 314 15.43 22.96 18.38
CA GLN A 314 16.71 22.54 17.87
C GLN A 314 17.44 23.59 17.08
N GLU A 315 16.82 24.74 16.86
CA GLU A 315 17.57 25.81 16.21
C GLU A 315 18.77 26.18 17.13
N PHE A 316 18.54 26.28 18.45
CA PHE A 316 19.59 26.50 19.42
C PHE A 316 20.54 25.30 19.41
N PHE A 317 20.01 24.09 19.28
CA PHE A 317 20.81 22.86 19.33
C PHE A 317 21.21 22.24 17.99
N GLY A 318 21.07 23.02 16.93
CA GLY A 318 21.34 22.56 15.58
C GLY A 318 21.73 23.70 14.64
N LEU A 319 20.78 24.17 13.82
CA LEU A 319 21.07 25.24 12.86
C LEU A 319 19.98 26.32 12.74
N ASN A 320 20.41 27.58 12.52
CA ASN A 320 19.55 28.77 12.37
C ASN A 320 19.71 29.43 10.99
N ASN A 321 20.64 28.92 10.15
CA ASN A 321 20.98 29.38 8.78
C ASN A 321 19.73 29.72 7.98
N CYS A 322 19.81 30.69 7.04
CA CYS A 322 18.66 31.03 6.18
C CYS A 322 18.27 29.81 5.33
N SER A 323 19.23 28.88 5.16
CA SER A 323 19.04 27.62 4.44
C SER A 323 18.24 26.65 5.31
N SER A 324 18.82 26.20 6.45
CA SER A 324 18.24 25.25 7.41
C SER A 324 16.93 25.74 8.07
N SER A 325 16.69 27.06 8.11
CA SER A 325 15.46 27.63 8.65
C SER A 325 14.35 27.49 7.60
N ASN A 326 14.71 27.67 6.31
CA ASN A 326 13.75 27.52 5.22
C ASN A 326 13.48 26.06 4.90
N ARG A 327 14.53 25.23 4.99
CA ARG A 327 14.46 23.78 4.77
C ARG A 327 13.54 23.13 5.82
N LEU A 328 13.72 23.46 7.12
CA LEU A 328 12.94 22.94 8.24
C LEU A 328 11.50 23.44 8.26
N ASP A 329 11.26 24.67 7.78
CA ASP A 329 9.89 25.19 7.72
C ASP A 329 9.07 24.52 6.60
N GLN A 330 9.74 24.15 5.49
CA GLN A 330 9.15 23.44 4.36
C GLN A 330 8.88 21.99 4.82
N ALA A 331 9.83 21.43 5.62
CA ALA A 331 9.77 20.09 6.21
C ALA A 331 8.58 19.98 7.16
N MET A 332 8.25 21.08 7.85
CA MET A 332 7.11 21.14 8.73
C MET A 332 5.83 21.12 7.92
N GLN A 333 5.81 21.84 6.77
CA GLN A 333 4.64 21.91 5.88
C GLN A 333 4.30 20.52 5.30
N VAL A 334 5.35 19.74 4.92
CA VAL A 334 5.24 18.37 4.37
C VAL A 334 4.79 17.36 5.42
N THR A 335 5.50 17.30 6.58
CA THR A 335 5.24 16.36 7.67
C THR A 335 3.86 16.51 8.33
N GLU A 336 3.26 17.71 8.28
CA GLU A 336 1.91 17.95 8.82
C GLU A 336 0.82 17.54 7.80
N THR A 337 1.11 17.66 6.48
CA THR A 337 0.20 17.25 5.40
C THR A 337 0.09 15.70 5.48
N LEU A 338 1.24 15.03 5.75
CA LEU A 338 1.35 13.58 5.92
C LEU A 338 0.48 13.13 7.08
N GLY A 339 0.48 13.89 8.17
CA GLY A 339 -0.29 13.59 9.36
C GLY A 339 -1.77 13.74 9.13
N MET A 340 -2.15 14.79 8.39
CA MET A 340 -3.55 15.09 8.05
C MET A 340 -4.15 13.91 7.26
N THR A 341 -3.30 13.23 6.46
CA THR A 341 -3.60 12.03 5.66
C THR A 341 -4.01 10.84 6.55
N HIS A 342 -3.46 10.73 7.76
CA HIS A 342 -3.75 9.65 8.68
C HIS A 342 -5.25 9.48 8.99
N CYS A 343 -6.05 10.55 8.89
CA CYS A 343 -7.48 10.50 9.17
C CYS A 343 -8.27 9.54 8.23
N CYS A 344 -7.71 9.23 7.03
CA CYS A 344 -8.35 8.31 6.08
C CYS A 344 -7.71 6.88 6.05
N ILE A 345 -6.75 6.60 6.97
CA ILE A 345 -5.98 5.35 7.04
C ILE A 345 -6.65 4.20 7.87
N ASN A 346 -7.18 4.46 9.09
CA ASN A 346 -7.80 3.42 9.94
C ASN A 346 -8.85 2.54 9.20
N PRO A 347 -9.84 3.07 8.44
CA PRO A 347 -10.73 2.16 7.69
C PRO A 347 -10.00 1.09 6.87
N ILE A 348 -8.87 1.44 6.20
CA ILE A 348 -8.07 0.46 5.43
C ILE A 348 -7.55 -0.65 6.38
N ILE A 349 -7.01 -0.24 7.55
CA ILE A 349 -6.50 -1.16 8.57
C ILE A 349 -7.60 -2.16 8.95
N TYR A 350 -8.83 -1.67 9.28
CA TYR A 350 -9.97 -2.53 9.65
C TYR A 350 -10.33 -3.47 8.53
N ALA A 351 -10.29 -3.00 7.27
CA ALA A 351 -10.62 -3.80 6.09
C ALA A 351 -9.62 -4.96 5.86
N PHE A 352 -8.34 -4.77 6.20
CA PHE A 352 -7.34 -5.82 6.03
C PHE A 352 -7.12 -6.62 7.32
N VAL A 353 -6.56 -5.99 8.36
CA VAL A 353 -6.22 -6.61 9.66
C VAL A 353 -7.46 -7.03 10.49
N GLY A 354 -8.49 -6.18 10.56
CA GLY A 354 -9.71 -6.45 11.34
C GLY A 354 -10.42 -7.73 10.93
N GLU A 355 -10.42 -8.76 11.81
CA GLU A 355 -11.01 -10.08 11.55
C GLU A 355 -12.51 -10.06 11.31
N GLU A 356 -13.27 -9.41 12.20
CA GLU A 356 -14.74 -9.28 12.08
C GLU A 356 -15.10 -8.59 10.76
N PHE A 357 -14.53 -7.39 10.52
CA PHE A 357 -14.72 -6.55 9.35
C PHE A 357 -14.41 -7.31 8.03
N ARG A 358 -13.43 -8.22 8.08
CA ARG A 358 -12.98 -9.09 6.99
C ARG A 358 -14.10 -10.10 6.64
N ASN A 359 -14.62 -10.82 7.66
CA ASN A 359 -15.71 -11.82 7.51
C ASN A 359 -17.05 -11.15 7.17
N TYR A 360 -17.27 -9.94 7.72
CA TYR A 360 -18.47 -9.14 7.49
C TYR A 360 -18.58 -8.79 6.01
N LEU A 361 -17.49 -8.26 5.44
CA LEU A 361 -17.39 -7.92 4.01
C LEU A 361 -17.45 -9.18 3.13
N LEU A 362 -16.98 -10.35 3.66
CA LEU A 362 -16.97 -11.64 3.00
C LEU A 362 -18.37 -12.22 2.91
N LYS B 24 18.21 22.65 -29.95
CA LYS B 24 17.58 21.35 -30.22
C LYS B 24 17.10 21.23 -31.67
N ILE B 25 17.04 19.98 -32.20
CA ILE B 25 16.62 19.73 -33.58
C ILE B 25 15.08 19.55 -33.70
N ASN B 26 14.52 20.03 -34.83
CA ASN B 26 13.09 19.94 -35.14
C ASN B 26 12.72 18.57 -35.74
N VAL B 27 12.03 17.75 -34.93
CA VAL B 27 11.54 16.43 -35.32
C VAL B 27 9.99 16.45 -35.41
N LYS B 28 9.38 17.61 -35.07
CA LYS B 28 7.94 17.84 -35.09
C LYS B 28 7.33 17.61 -36.48
N GLN B 29 8.06 18.01 -37.55
CA GLN B 29 7.62 17.82 -38.93
C GLN B 29 7.55 16.32 -39.30
N ILE B 30 8.56 15.51 -38.86
CA ILE B 30 8.62 14.04 -39.04
C ILE B 30 7.53 13.36 -38.19
N ALA B 31 7.43 13.77 -36.89
CA ALA B 31 6.48 13.22 -35.91
C ALA B 31 5.03 13.39 -36.31
N ALA B 32 4.71 14.51 -37.01
CA ALA B 32 3.37 14.84 -37.51
C ALA B 32 2.91 13.87 -38.61
N ARG B 33 3.88 13.25 -39.32
CA ARG B 33 3.61 12.28 -40.38
C ARG B 33 3.66 10.83 -39.86
N LEU B 34 4.65 10.55 -38.99
CA LEU B 34 4.96 9.24 -38.41
C LEU B 34 4.01 8.71 -37.32
N LEU B 35 3.80 9.51 -36.25
CA LEU B 35 3.02 9.09 -35.08
C LEU B 35 1.50 8.90 -35.33
N PRO B 36 0.78 9.84 -36.00
CA PRO B 36 -0.67 9.62 -36.21
C PRO B 36 -1.06 8.23 -36.76
N PRO B 37 -0.47 7.65 -37.85
CA PRO B 37 -0.90 6.29 -38.28
C PRO B 37 -0.59 5.18 -37.27
N LEU B 38 0.62 5.21 -36.64
CA LEU B 38 1.06 4.23 -35.63
C LEU B 38 0.11 4.21 -34.41
N TYR B 39 -0.23 5.41 -33.89
CA TYR B 39 -1.13 5.64 -32.76
C TYR B 39 -2.55 5.18 -33.10
N SER B 40 -2.94 5.31 -34.38
CA SER B 40 -4.25 4.91 -34.88
C SER B 40 -4.39 3.39 -34.89
N LEU B 41 -3.29 2.67 -35.20
CA LEU B 41 -3.26 1.20 -35.19
C LEU B 41 -3.39 0.70 -33.75
N VAL B 42 -2.52 1.21 -32.85
CA VAL B 42 -2.46 0.94 -31.39
C VAL B 42 -3.86 1.15 -30.75
N PHE B 43 -4.56 2.24 -31.11
CA PHE B 43 -5.89 2.47 -30.59
C PHE B 43 -6.91 1.38 -31.02
N ILE B 44 -6.99 1.08 -32.35
CA ILE B 44 -7.94 0.10 -32.90
C ILE B 44 -7.74 -1.30 -32.31
N PHE B 45 -6.50 -1.82 -32.32
CA PHE B 45 -6.15 -3.12 -31.76
C PHE B 45 -6.43 -3.16 -30.25
N GLY B 46 -5.86 -2.22 -29.52
CA GLY B 46 -5.98 -2.10 -28.08
C GLY B 46 -7.41 -1.99 -27.57
N PHE B 47 -8.24 -1.14 -28.23
CA PHE B 47 -9.65 -0.96 -27.85
C PHE B 47 -10.44 -2.24 -28.08
N VAL B 48 -10.26 -2.90 -29.23
CA VAL B 48 -10.99 -4.12 -29.53
C VAL B 48 -10.55 -5.24 -28.58
N GLY B 49 -9.24 -5.49 -28.53
CA GLY B 49 -8.60 -6.49 -27.68
C GLY B 49 -8.94 -6.39 -26.21
N ASN B 50 -8.80 -5.20 -25.60
CA ASN B 50 -9.10 -5.00 -24.17
C ASN B 50 -10.60 -5.06 -23.87
N MET B 51 -11.48 -4.61 -24.81
CA MET B 51 -12.93 -4.73 -24.61
C MET B 51 -13.35 -6.19 -24.65
N LEU B 52 -12.69 -7.00 -25.51
CA LEU B 52 -12.92 -8.43 -25.66
C LEU B 52 -12.62 -9.17 -24.38
N VAL B 53 -11.44 -8.91 -23.78
CA VAL B 53 -10.97 -9.46 -22.50
C VAL B 53 -12.01 -9.16 -21.42
N ILE B 54 -12.49 -7.88 -21.31
CA ILE B 54 -13.50 -7.41 -20.35
C ILE B 54 -14.86 -8.13 -20.55
N LEU B 55 -15.33 -8.24 -21.81
CA LEU B 55 -16.60 -8.90 -22.15
C LEU B 55 -16.58 -10.40 -21.85
N ILE B 56 -15.43 -11.07 -22.11
CA ILE B 56 -15.21 -12.47 -21.80
C ILE B 56 -15.20 -12.70 -20.27
N LEU B 57 -14.45 -11.87 -19.51
CA LEU B 57 -14.35 -12.00 -18.04
C LEU B 57 -15.66 -11.76 -17.30
N ILE B 58 -16.49 -10.86 -17.79
CA ILE B 58 -17.76 -10.54 -17.15
C ILE B 58 -18.85 -11.56 -17.48
N ASN B 59 -19.02 -11.86 -18.77
CA ASN B 59 -20.08 -12.73 -19.26
C ASN B 59 -19.75 -14.24 -19.23
N TYR B 60 -18.56 -14.66 -19.70
CA TYR B 60 -18.21 -16.09 -19.66
C TYR B 60 -17.58 -16.51 -18.32
N LYS B 61 -16.49 -15.84 -17.88
CA LYS B 61 -15.79 -16.16 -16.63
C LYS B 61 -16.61 -15.84 -15.37
N ARG B 62 -17.52 -14.85 -15.48
CA ARG B 62 -18.40 -14.37 -14.40
C ARG B 62 -17.62 -13.86 -13.15
N LEU B 63 -16.33 -13.52 -13.34
CA LEU B 63 -15.39 -13.00 -12.34
C LEU B 63 -15.36 -13.84 -11.05
N LYS B 64 -15.31 -15.17 -11.23
CA LYS B 64 -15.30 -16.22 -10.21
C LYS B 64 -14.09 -16.18 -9.22
N SER B 65 -12.91 -15.67 -9.67
CA SER B 65 -11.69 -15.66 -8.86
C SER B 65 -11.02 -14.28 -8.71
N MET B 66 -9.97 -14.23 -7.84
CA MET B 66 -9.12 -13.05 -7.57
C MET B 66 -8.29 -12.70 -8.81
N THR B 67 -7.91 -13.74 -9.59
CA THR B 67 -7.17 -13.59 -10.83
C THR B 67 -8.04 -12.89 -11.86
N ASP B 68 -9.34 -13.22 -11.92
CA ASP B 68 -10.27 -12.59 -12.87
C ASP B 68 -10.51 -11.13 -12.54
N ILE B 69 -10.51 -10.79 -11.22
CA ILE B 69 -10.69 -9.41 -10.75
C ILE B 69 -9.49 -8.55 -11.18
N TYR B 70 -8.24 -9.05 -10.98
CA TYR B 70 -7.04 -8.30 -11.38
C TYR B 70 -6.90 -8.13 -12.90
N LEU B 71 -7.27 -9.17 -13.71
CA LEU B 71 -7.23 -9.07 -15.17
C LEU B 71 -8.21 -8.03 -15.69
N LEU B 72 -9.45 -7.97 -15.14
CA LEU B 72 -10.46 -7.00 -15.54
C LEU B 72 -9.96 -5.57 -15.35
N ASN B 73 -9.41 -5.29 -14.15
CA ASN B 73 -8.82 -4.00 -13.79
C ASN B 73 -7.57 -3.70 -14.59
N LEU B 74 -6.83 -4.74 -15.01
CA LEU B 74 -5.64 -4.58 -15.86
C LEU B 74 -6.09 -4.13 -17.26
N ALA B 75 -7.17 -4.74 -17.78
CA ALA B 75 -7.76 -4.40 -19.07
C ALA B 75 -8.41 -3.00 -19.02
N ILE B 76 -8.87 -2.56 -17.82
CA ILE B 76 -9.47 -1.24 -17.65
C ILE B 76 -8.35 -0.19 -17.60
N SER B 77 -7.18 -0.52 -16.99
CA SER B 77 -6.03 0.38 -16.96
C SER B 77 -5.54 0.66 -18.38
N ASP B 78 -5.44 -0.41 -19.20
CA ASP B 78 -5.02 -0.30 -20.59
C ASP B 78 -6.01 0.52 -21.39
N LEU B 79 -7.32 0.36 -21.11
CA LEU B 79 -8.39 1.15 -21.74
C LEU B 79 -8.30 2.65 -21.46
N PHE B 80 -8.10 3.04 -20.17
CA PHE B 80 -7.94 4.43 -19.71
C PHE B 80 -6.81 5.12 -20.47
N PHE B 81 -5.66 4.41 -20.63
CA PHE B 81 -4.46 4.83 -21.32
C PHE B 81 -4.69 4.91 -22.85
N LEU B 82 -5.50 3.96 -23.40
CA LEU B 82 -5.84 3.86 -24.83
C LEU B 82 -6.63 5.05 -25.34
N LEU B 83 -7.58 5.55 -24.51
CA LEU B 83 -8.43 6.70 -24.86
C LEU B 83 -7.65 8.01 -25.04
N THR B 84 -6.38 8.05 -24.59
CA THR B 84 -5.53 9.24 -24.71
C THR B 84 -4.80 9.23 -26.03
N VAL B 85 -4.50 8.03 -26.56
CA VAL B 85 -3.75 7.78 -27.80
C VAL B 85 -4.34 8.61 -28.99
N PRO B 86 -5.68 8.62 -29.29
CA PRO B 86 -6.20 9.49 -30.37
C PRO B 86 -5.81 10.98 -30.28
N PHE B 87 -5.79 11.55 -29.05
CA PHE B 87 -5.46 12.94 -28.75
C PHE B 87 -4.00 13.29 -28.95
N TRP B 88 -3.09 12.35 -28.64
CA TRP B 88 -1.66 12.59 -28.82
C TRP B 88 -1.29 12.52 -30.30
N ALA B 89 -2.13 11.85 -31.13
CA ALA B 89 -1.94 11.71 -32.58
C ALA B 89 -2.25 13.05 -33.22
N HIS B 90 -3.37 13.66 -32.82
CA HIS B 90 -3.78 14.98 -33.30
C HIS B 90 -2.79 16.07 -32.84
N TYR B 91 -2.27 15.96 -31.60
CA TYR B 91 -1.29 16.89 -31.05
C TYR B 91 0.03 16.83 -31.83
N ALA B 92 0.42 15.63 -32.33
CA ALA B 92 1.62 15.47 -33.16
C ALA B 92 1.33 16.04 -34.56
N ALA B 93 0.18 15.66 -35.17
CA ALA B 93 -0.29 16.08 -36.49
C ALA B 93 -0.49 17.59 -36.62
N ALA B 94 -1.10 18.23 -35.60
CA ALA B 94 -1.42 19.66 -35.58
C ALA B 94 -0.91 20.38 -34.31
N GLN B 95 -1.82 20.69 -33.35
CA GLN B 95 -1.51 21.37 -32.09
C GLN B 95 -2.53 20.97 -31.02
N TRP B 96 -2.39 21.52 -29.77
CA TRP B 96 -3.36 21.24 -28.71
C TRP B 96 -4.66 22.01 -28.90
N ASP B 97 -5.56 21.41 -29.68
CA ASP B 97 -6.87 21.98 -30.01
C ASP B 97 -7.97 21.50 -29.05
N PHE B 98 -7.58 20.86 -27.92
CA PHE B 98 -8.55 20.29 -26.98
C PHE B 98 -8.81 21.10 -25.68
N GLY B 99 -7.99 22.10 -25.36
CA GLY B 99 -8.21 22.94 -24.17
C GLY B 99 -7.55 22.46 -22.90
N ASN B 100 -7.50 23.33 -21.87
CA ASN B 100 -6.82 23.04 -20.60
C ASN B 100 -7.38 21.88 -19.76
N THR B 101 -8.70 21.70 -19.68
CA THR B 101 -9.28 20.62 -18.86
C THR B 101 -8.94 19.28 -19.48
N MET B 102 -9.08 19.20 -20.80
CA MET B 102 -8.79 18.03 -21.60
C MET B 102 -7.31 17.66 -21.44
N CYS B 103 -6.44 18.69 -21.41
CA CYS B 103 -5.00 18.54 -21.24
C CYS B 103 -4.68 17.86 -19.90
N GLN B 104 -5.34 18.31 -18.82
CA GLN B 104 -5.13 17.76 -17.48
C GLN B 104 -5.79 16.40 -17.29
N LEU B 105 -7.00 16.21 -17.83
CA LEU B 105 -7.74 14.96 -17.76
C LEU B 105 -6.97 13.84 -18.50
N LEU B 106 -6.59 14.07 -19.78
CA LEU B 106 -5.87 13.08 -20.59
C LEU B 106 -4.49 12.77 -20.06
N THR B 107 -3.78 13.76 -19.48
CA THR B 107 -2.47 13.56 -18.85
C THR B 107 -2.69 12.69 -17.60
N GLY B 108 -3.82 12.93 -16.91
CA GLY B 108 -4.25 12.17 -15.74
C GLY B 108 -4.59 10.72 -16.05
N LEU B 109 -5.41 10.48 -17.11
CA LEU B 109 -5.78 9.15 -17.61
C LEU B 109 -4.53 8.37 -18.08
N TYR B 110 -3.52 9.09 -18.60
CA TYR B 110 -2.25 8.52 -19.03
C TYR B 110 -1.49 8.03 -17.80
N PHE B 111 -1.27 8.90 -16.80
CA PHE B 111 -0.53 8.58 -15.59
C PHE B 111 -1.23 7.53 -14.72
N ILE B 112 -2.57 7.66 -14.55
CA ILE B 112 -3.40 6.72 -13.78
C ILE B 112 -3.37 5.37 -14.48
N GLY B 113 -3.53 5.37 -15.82
CA GLY B 113 -3.49 4.17 -16.66
C GLY B 113 -2.15 3.47 -16.51
N PHE B 114 -1.06 4.26 -16.52
CA PHE B 114 0.30 3.75 -16.36
C PHE B 114 0.54 3.15 -14.98
N PHE B 115 0.34 3.91 -13.90
CA PHE B 115 0.57 3.45 -12.53
C PHE B 115 -0.29 2.26 -12.13
N SER B 116 -1.63 2.32 -12.31
CA SER B 116 -2.47 1.17 -11.95
C SER B 116 -2.16 -0.05 -12.82
N GLY B 117 -1.77 0.18 -14.08
CA GLY B 117 -1.39 -0.86 -15.03
C GLY B 117 -0.34 -1.81 -14.49
N ILE B 118 0.79 -1.24 -14.03
CA ILE B 118 1.86 -2.04 -13.47
C ILE B 118 1.44 -2.61 -12.10
N PHE B 119 0.72 -1.81 -11.29
CA PHE B 119 0.24 -2.22 -9.99
C PHE B 119 -0.59 -3.53 -10.08
N PHE B 120 -1.44 -3.68 -11.12
CA PHE B 120 -2.24 -4.91 -11.33
C PHE B 120 -1.38 -6.06 -11.87
N ILE B 121 -0.27 -5.77 -12.61
CA ILE B 121 0.67 -6.81 -13.05
C ILE B 121 1.43 -7.33 -11.79
N ILE B 122 1.76 -6.43 -10.81
CA ILE B 122 2.36 -6.78 -9.50
C ILE B 122 1.37 -7.67 -8.68
N LEU B 123 0.09 -7.24 -8.59
CA LEU B 123 -1.01 -7.95 -7.91
C LEU B 123 -1.34 -9.30 -8.54
N LEU B 124 -1.16 -9.45 -9.87
CA LEU B 124 -1.39 -10.75 -10.53
C LEU B 124 -0.24 -11.70 -10.17
N THR B 125 0.99 -11.16 -10.03
CA THR B 125 2.19 -11.89 -9.64
C THR B 125 2.09 -12.30 -8.17
N ILE B 126 1.64 -11.39 -7.26
CA ILE B 126 1.49 -11.72 -5.84
C ILE B 126 0.39 -12.77 -5.68
N ASP B 127 -0.70 -12.65 -6.47
CA ASP B 127 -1.82 -13.60 -6.50
C ASP B 127 -1.31 -15.03 -6.82
N ARG B 128 -0.39 -15.16 -7.80
CA ARG B 128 0.24 -16.42 -8.20
C ARG B 128 1.16 -16.98 -7.09
N TYR B 129 1.99 -16.09 -6.48
CA TYR B 129 2.89 -16.43 -5.37
C TYR B 129 2.09 -17.00 -4.22
N LEU B 130 0.91 -16.43 -3.95
CA LEU B 130 0.07 -16.93 -2.88
C LEU B 130 -0.47 -18.32 -3.22
N ALA B 131 -1.15 -18.47 -4.38
CA ALA B 131 -1.74 -19.72 -4.85
C ALA B 131 -0.79 -20.90 -4.94
N VAL B 132 0.43 -20.70 -5.49
CA VAL B 132 1.48 -21.72 -5.68
C VAL B 132 2.32 -21.98 -4.40
N VAL B 133 2.90 -20.91 -3.78
CA VAL B 133 3.80 -20.94 -2.61
C VAL B 133 3.09 -21.08 -1.24
N HIS B 134 1.87 -20.52 -1.08
CA HIS B 134 1.10 -20.59 0.17
C HIS B 134 -0.32 -21.13 -0.09
N ALA B 135 -0.41 -22.26 -0.83
CA ALA B 135 -1.66 -22.92 -1.27
C ALA B 135 -2.72 -23.13 -0.18
N VAL B 136 -2.30 -23.45 1.07
CA VAL B 136 -3.20 -23.66 2.21
C VAL B 136 -3.85 -22.33 2.64
N PHE B 137 -3.01 -21.27 2.83
CA PHE B 137 -3.33 -19.89 3.21
C PHE B 137 -4.16 -19.19 2.13
N ALA B 138 -3.82 -19.45 0.86
CA ALA B 138 -4.47 -18.90 -0.32
C ALA B 138 -5.88 -19.44 -0.55
N LEU B 139 -6.27 -20.50 0.16
CA LEU B 139 -7.61 -21.05 -0.01
C LEU B 139 -8.69 -20.08 0.48
N LYS B 140 -8.44 -19.38 1.61
CA LYS B 140 -9.37 -18.40 2.17
C LYS B 140 -9.02 -16.96 1.77
N ALA B 141 -7.71 -16.63 1.71
CA ALA B 141 -7.18 -15.30 1.34
C ALA B 141 -7.53 -14.84 -0.08
N ARG B 142 -7.54 -15.76 -1.06
CA ARG B 142 -7.81 -15.45 -2.47
C ARG B 142 -9.31 -15.37 -2.83
N THR B 143 -10.11 -14.66 -2.00
CA THR B 143 -11.53 -14.44 -2.27
C THR B 143 -11.69 -13.32 -3.30
N VAL B 144 -12.87 -13.24 -3.93
CA VAL B 144 -13.23 -12.18 -4.88
C VAL B 144 -13.30 -10.86 -4.07
N THR B 145 -13.83 -10.93 -2.82
CA THR B 145 -13.96 -9.79 -1.89
C THR B 145 -12.60 -9.14 -1.59
N PHE B 146 -11.57 -9.94 -1.20
CA PHE B 146 -10.22 -9.45 -0.94
C PHE B 146 -9.60 -8.83 -2.21
N GLY B 147 -9.93 -9.39 -3.38
CA GLY B 147 -9.49 -8.90 -4.68
C GLY B 147 -10.15 -7.59 -5.10
N VAL B 148 -11.41 -7.38 -4.68
CA VAL B 148 -12.15 -6.16 -4.97
C VAL B 148 -11.65 -5.02 -4.06
N VAL B 149 -11.45 -5.32 -2.77
CA VAL B 149 -10.94 -4.37 -1.78
C VAL B 149 -9.54 -3.84 -2.21
N THR B 150 -8.63 -4.77 -2.62
CA THR B 150 -7.27 -4.45 -3.09
C THR B 150 -7.31 -3.63 -4.39
N SER B 151 -8.16 -4.02 -5.38
CA SER B 151 -8.35 -3.28 -6.64
C SER B 151 -8.72 -1.82 -6.35
N VAL B 152 -9.66 -1.58 -5.39
CA VAL B 152 -10.14 -0.27 -4.94
C VAL B 152 -9.00 0.59 -4.42
N ILE B 153 -8.25 0.08 -3.41
CA ILE B 153 -7.10 0.74 -2.83
C ILE B 153 -6.03 1.03 -3.92
N THR B 154 -5.78 0.06 -4.82
CA THR B 154 -4.83 0.20 -5.94
C THR B 154 -5.12 1.44 -6.78
N TRP B 155 -6.40 1.62 -7.19
CA TRP B 155 -6.79 2.75 -8.03
C TRP B 155 -6.53 4.08 -7.32
N VAL B 156 -6.90 4.16 -6.02
CA VAL B 156 -6.72 5.32 -5.14
C VAL B 156 -5.21 5.67 -5.06
N VAL B 157 -4.35 4.66 -4.85
CA VAL B 157 -2.89 4.88 -4.81
C VAL B 157 -2.42 5.44 -6.18
N ALA B 158 -2.91 4.86 -7.29
CA ALA B 158 -2.55 5.30 -8.64
C ALA B 158 -2.96 6.77 -8.91
N VAL B 159 -4.15 7.19 -8.40
CA VAL B 159 -4.65 8.56 -8.53
C VAL B 159 -3.73 9.50 -7.71
N PHE B 160 -3.42 9.14 -6.44
CA PHE B 160 -2.52 9.90 -5.57
C PHE B 160 -1.10 10.04 -6.15
N ALA B 161 -0.60 9.00 -6.84
CA ALA B 161 0.72 8.98 -7.49
C ALA B 161 0.76 9.83 -8.77
N SER B 162 -0.42 10.08 -9.37
CA SER B 162 -0.52 10.83 -10.61
C SER B 162 -0.76 12.32 -10.39
N LEU B 163 -1.37 12.69 -9.25
CA LEU B 163 -1.76 14.05 -8.87
C LEU B 163 -0.73 15.17 -9.15
N PRO B 164 0.55 15.15 -8.71
CA PRO B 164 1.43 16.31 -9.03
C PRO B 164 1.50 16.61 -10.53
N ASN B 165 1.61 15.56 -11.35
CA ASN B 165 1.69 15.59 -12.81
C ASN B 165 0.44 16.18 -13.46
N ILE B 166 -0.77 15.80 -12.98
CA ILE B 166 -2.06 16.35 -13.43
C ILE B 166 -2.10 17.86 -13.07
N ILE B 167 -1.68 18.21 -11.84
CA ILE B 167 -1.65 19.56 -11.27
C ILE B 167 -0.77 20.52 -12.11
N PHE B 168 0.50 20.18 -12.35
CA PHE B 168 1.40 21.07 -13.09
C PHE B 168 1.37 20.89 -14.63
N THR B 169 0.36 20.19 -15.17
CA THR B 169 0.20 20.07 -16.62
C THR B 169 -0.85 21.08 -17.09
N ARG B 170 -0.51 21.85 -18.13
CA ARG B 170 -1.43 22.85 -18.67
C ARG B 170 -1.29 23.05 -20.15
N SER B 171 -2.36 23.61 -20.72
CA SER B 171 -2.50 24.04 -22.10
C SER B 171 -2.07 25.53 -22.09
N GLN B 172 -1.35 25.96 -23.14
CA GLN B 172 -0.88 27.33 -23.26
C GLN B 172 -0.49 27.70 -24.69
N LYS B 173 -0.72 28.97 -25.06
CA LYS B 173 -0.36 29.50 -26.37
C LYS B 173 1.08 30.03 -26.27
N GLU B 174 1.96 29.48 -27.10
CA GLU B 174 3.37 29.87 -27.11
C GLU B 174 3.61 30.53 -28.47
N GLY B 175 3.39 31.83 -28.49
CA GLY B 175 3.47 32.62 -29.70
C GLY B 175 2.18 32.45 -30.47
N LEU B 176 2.16 31.48 -31.41
CA LEU B 176 1.00 31.18 -32.25
C LEU B 176 0.42 29.78 -32.02
N HIS B 177 1.24 28.84 -31.54
CA HIS B 177 0.84 27.43 -31.32
C HIS B 177 0.41 27.10 -29.88
N TYR B 178 -0.56 26.19 -29.78
CA TYR B 178 -1.08 25.66 -28.52
C TYR B 178 -0.37 24.36 -28.15
N THR B 179 0.03 24.28 -26.90
CA THR B 179 0.78 23.15 -26.35
C THR B 179 0.07 22.55 -25.15
N CYS B 180 0.45 21.32 -24.79
CA CYS B 180 -0.04 20.58 -23.63
C CYS B 180 1.18 19.88 -23.07
N SER B 181 1.80 20.51 -22.08
CA SER B 181 3.01 20.04 -21.45
C SER B 181 2.91 20.30 -19.95
N SER B 182 3.87 19.78 -19.17
CA SER B 182 3.96 19.99 -17.73
C SER B 182 4.94 21.13 -17.49
N HIS B 183 4.54 22.08 -16.66
CA HIS B 183 5.34 23.26 -16.32
C HIS B 183 5.52 23.36 -14.81
N PHE B 184 6.53 22.65 -14.29
CA PHE B 184 6.91 22.64 -12.87
C PHE B 184 7.44 24.01 -12.44
N PRO B 185 7.27 24.40 -11.15
CA PRO B 185 7.70 25.76 -10.72
C PRO B 185 9.18 26.10 -10.90
N TYR B 186 9.45 27.26 -11.55
CA TYR B 186 10.75 27.83 -11.91
C TYR B 186 11.83 27.77 -10.81
N SER B 187 11.45 28.03 -9.54
CA SER B 187 12.37 28.01 -8.39
C SER B 187 12.76 26.57 -8.01
N GLN B 188 11.75 25.70 -7.84
CA GLN B 188 11.91 24.29 -7.47
C GLN B 188 11.98 23.36 -8.72
N TYR B 189 12.35 23.89 -9.91
CA TYR B 189 12.38 23.13 -11.19
C TYR B 189 13.15 21.81 -11.12
N GLN B 190 14.46 21.84 -10.79
CA GLN B 190 15.29 20.64 -10.70
C GLN B 190 14.71 19.61 -9.72
N PHE B 191 14.13 20.07 -8.58
CA PHE B 191 13.48 19.20 -7.59
C PHE B 191 12.31 18.41 -8.19
N TRP B 192 11.38 19.09 -8.88
CA TRP B 192 10.21 18.44 -9.46
C TRP B 192 10.58 17.49 -10.60
N LYS B 193 11.63 17.81 -11.38
CA LYS B 193 12.11 16.95 -12.46
C LYS B 193 12.73 15.68 -11.86
N ASN B 194 13.60 15.83 -10.81
CA ASN B 194 14.26 14.71 -10.12
C ASN B 194 13.27 13.79 -9.41
N PHE B 195 12.34 14.37 -8.63
CA PHE B 195 11.35 13.62 -7.86
C PHE B 195 10.36 12.89 -8.74
N GLN B 196 9.94 13.51 -9.87
CA GLN B 196 8.99 12.88 -10.80
C GLN B 196 9.62 11.73 -11.56
N THR B 197 10.88 11.88 -11.97
CA THR B 197 11.67 10.85 -12.64
C THR B 197 11.80 9.62 -11.72
N LEU B 198 12.20 9.81 -10.46
CA LEU B 198 12.37 8.71 -9.52
C LEU B 198 11.06 8.01 -9.14
N LYS B 199 9.92 8.72 -9.24
CA LYS B 199 8.58 8.19 -8.94
C LYS B 199 8.21 7.18 -10.04
N ILE B 200 8.52 7.52 -11.31
CA ILE B 200 8.26 6.67 -12.46
C ILE B 200 9.23 5.49 -12.46
N VAL B 201 10.52 5.73 -12.18
CA VAL B 201 11.57 4.70 -12.21
C VAL B 201 11.44 3.71 -11.03
N ILE B 202 11.10 4.19 -9.83
CA ILE B 202 10.91 3.30 -8.68
C ILE B 202 9.66 2.45 -8.89
N LEU B 203 8.46 3.07 -8.98
CA LEU B 203 7.18 2.39 -9.20
C LEU B 203 7.02 1.62 -10.54
N GLY B 204 7.71 2.07 -11.60
CA GLY B 204 7.62 1.49 -12.94
C GLY B 204 8.74 0.57 -13.38
N LEU B 205 9.85 0.51 -12.62
CA LEU B 205 10.97 -0.37 -12.91
C LEU B 205 11.51 -1.11 -11.66
N VAL B 206 11.91 -0.37 -10.60
CA VAL B 206 12.46 -0.93 -9.34
C VAL B 206 11.44 -1.78 -8.57
N LEU B 207 10.22 -1.26 -8.34
CA LEU B 207 9.13 -1.95 -7.63
C LEU B 207 8.71 -3.23 -8.37
N PRO B 208 8.37 -3.21 -9.69
CA PRO B 208 8.01 -4.48 -10.34
C PRO B 208 9.15 -5.50 -10.38
N LEU B 209 10.41 -5.06 -10.55
CA LEU B 209 11.60 -5.91 -10.64
C LEU B 209 11.88 -6.65 -9.33
N LEU B 210 11.76 -5.94 -8.18
CA LEU B 210 11.93 -6.54 -6.85
C LEU B 210 10.86 -7.57 -6.58
N VAL B 211 9.58 -7.24 -6.88
CA VAL B 211 8.47 -8.18 -6.74
C VAL B 211 8.72 -9.39 -7.61
N MET B 212 9.11 -9.20 -8.89
CA MET B 212 9.40 -10.27 -9.85
C MET B 212 10.47 -11.25 -9.33
N VAL B 213 11.60 -10.72 -8.83
CA VAL B 213 12.70 -11.54 -8.32
C VAL B 213 12.29 -12.29 -7.04
N ILE B 214 11.62 -11.59 -6.08
CA ILE B 214 11.18 -12.22 -4.82
C ILE B 214 10.14 -13.32 -5.08
N CYS B 215 9.10 -12.99 -5.86
CA CYS B 215 8.01 -13.88 -6.13
C CYS B 215 8.36 -15.05 -7.02
N TYR B 216 8.98 -14.82 -8.19
CA TYR B 216 9.31 -15.95 -9.07
C TYR B 216 10.45 -16.85 -8.51
N SER B 217 11.23 -16.36 -7.53
CA SER B 217 12.24 -17.19 -6.89
C SER B 217 11.49 -18.26 -6.06
N GLY B 218 10.49 -17.80 -5.28
CA GLY B 218 9.65 -18.62 -4.43
C GLY B 218 8.77 -19.56 -5.20
N ILE B 219 8.20 -19.09 -6.33
CA ILE B 219 7.34 -19.87 -7.22
C ILE B 219 8.14 -21.01 -7.84
N LEU B 220 9.33 -20.67 -8.39
CA LEU B 220 10.24 -21.62 -9.07
C LEU B 220 10.68 -22.74 -8.15
N LYS B 221 11.06 -22.40 -6.89
CA LYS B 221 11.47 -23.40 -5.91
C LYS B 221 10.34 -24.40 -5.62
N THR B 222 9.09 -23.90 -5.48
CA THR B 222 7.87 -24.70 -5.24
C THR B 222 7.53 -25.58 -6.46
N LEU B 223 7.70 -25.02 -7.67
CA LEU B 223 7.43 -25.72 -8.93
C LEU B 223 8.34 -26.91 -9.13
N LEU B 224 9.61 -26.79 -8.72
CA LEU B 224 10.63 -27.84 -8.79
C LEU B 224 10.52 -28.85 -7.64
N ARG B 225 10.27 -28.39 -6.40
CA ARG B 225 10.17 -29.30 -5.24
C ARG B 225 8.89 -30.15 -5.23
N MET B 226 8.03 -29.99 -6.27
CA MET B 226 6.75 -30.69 -6.46
C MET B 226 6.72 -31.40 -7.82
N LYS B 227 7.79 -31.23 -8.60
CA LYS B 227 7.96 -31.84 -9.92
C LYS B 227 8.11 -33.37 -9.80
N LYS B 228 7.24 -34.09 -10.54
CA LYS B 228 7.23 -35.55 -10.66
C LYS B 228 8.14 -35.91 -11.82
N TYR B 229 8.80 -37.07 -11.71
CA TYR B 229 9.70 -37.57 -12.75
C TYR B 229 9.34 -38.99 -13.08
N THR B 230 9.51 -39.40 -14.34
CA THR B 230 9.17 -40.75 -14.78
C THR B 230 10.37 -41.52 -15.35
N CYS B 231 10.45 -42.81 -15.03
CA CYS B 231 11.50 -43.71 -15.48
C CYS B 231 11.26 -44.03 -16.96
N THR B 232 12.23 -43.73 -17.84
CA THR B 232 12.13 -43.98 -19.29
C THR B 232 12.19 -45.47 -19.60
N VAL B 233 12.69 -46.26 -18.64
CA VAL B 233 12.83 -47.71 -18.78
C VAL B 233 11.51 -48.44 -18.47
N CYS B 234 11.07 -48.45 -17.17
CA CYS B 234 9.88 -49.18 -16.73
C CYS B 234 8.61 -48.32 -16.54
N GLY B 235 8.68 -47.01 -16.76
CA GLY B 235 7.53 -46.12 -16.61
C GLY B 235 7.17 -45.75 -15.17
N TYR B 236 7.96 -46.21 -14.16
CA TYR B 236 7.73 -45.89 -12.75
C TYR B 236 7.63 -44.36 -12.60
N ILE B 237 6.80 -43.86 -11.66
CA ILE B 237 6.67 -42.41 -11.46
C ILE B 237 7.08 -42.02 -10.06
N TYR B 238 8.07 -41.15 -9.96
CA TYR B 238 8.49 -40.61 -8.67
C TYR B 238 7.64 -39.35 -8.40
N ASN B 239 7.07 -39.25 -7.20
CA ASN B 239 6.30 -38.09 -6.75
C ASN B 239 6.91 -37.55 -5.44
N PRO B 240 7.27 -36.24 -5.39
CA PRO B 240 7.88 -35.70 -4.16
C PRO B 240 7.07 -35.92 -2.90
N GLU B 241 5.72 -35.85 -2.99
CA GLU B 241 4.77 -36.01 -1.88
C GLU B 241 4.87 -37.41 -1.25
N ASP B 242 5.06 -38.45 -2.09
CA ASP B 242 5.24 -39.82 -1.63
C ASP B 242 6.71 -40.15 -1.31
N GLY B 243 7.64 -39.69 -2.13
CA GLY B 243 9.05 -40.02 -1.98
C GLY B 243 9.25 -41.48 -2.35
N ASP B 244 10.21 -42.14 -1.66
CA ASP B 244 10.53 -43.58 -1.78
C ASP B 244 11.00 -44.05 -0.38
N PRO B 245 10.11 -43.95 0.66
CA PRO B 245 10.52 -44.26 2.05
C PRO B 245 11.18 -45.62 2.26
N ASP B 246 10.71 -46.68 1.58
CA ASP B 246 11.30 -48.01 1.69
C ASP B 246 12.81 -47.97 1.38
N ASN B 247 13.21 -47.12 0.40
CA ASN B 247 14.61 -46.92 -0.02
C ASN B 247 15.27 -45.68 0.60
N GLY B 248 14.74 -45.24 1.76
CA GLY B 248 15.28 -44.11 2.52
C GLY B 248 15.08 -42.71 1.96
N VAL B 249 14.06 -42.50 1.13
CA VAL B 249 13.74 -41.19 0.57
C VAL B 249 12.45 -40.70 1.26
N ASN B 250 12.60 -39.79 2.24
CA ASN B 250 11.47 -39.25 3.01
C ASN B 250 10.42 -38.57 2.11
N PRO B 251 9.10 -38.66 2.43
CA PRO B 251 8.11 -37.91 1.65
C PRO B 251 8.37 -36.40 1.80
N GLY B 252 8.26 -35.66 0.70
CA GLY B 252 8.54 -34.23 0.64
C GLY B 252 9.75 -33.88 -0.21
N THR B 253 10.68 -34.86 -0.39
CA THR B 253 11.95 -34.75 -1.11
C THR B 253 11.81 -34.44 -2.61
N ASP B 254 12.46 -33.34 -3.04
CA ASP B 254 12.56 -32.93 -4.44
C ASP B 254 13.39 -34.02 -5.10
N PHE B 255 12.96 -34.51 -6.28
CA PHE B 255 13.66 -35.58 -6.99
C PHE B 255 15.14 -35.26 -7.18
N LYS B 256 15.43 -33.98 -7.47
CA LYS B 256 16.79 -33.53 -7.70
C LYS B 256 17.62 -33.47 -6.42
N ASP B 257 16.99 -33.43 -5.23
CA ASP B 257 17.72 -33.46 -3.95
C ASP B 257 18.11 -34.89 -3.57
N ILE B 258 17.60 -35.90 -4.32
CA ILE B 258 17.87 -37.33 -4.07
C ILE B 258 19.33 -37.67 -4.43
N PRO B 259 20.08 -38.38 -3.53
CA PRO B 259 21.46 -38.75 -3.86
C PRO B 259 21.54 -39.65 -5.11
N ASP B 260 22.62 -39.50 -5.92
CA ASP B 260 22.87 -40.25 -7.17
C ASP B 260 22.91 -41.77 -7.01
N ASP B 261 23.23 -42.29 -5.82
CA ASP B 261 23.25 -43.73 -5.54
C ASP B 261 21.80 -44.35 -5.50
N TRP B 262 20.77 -43.54 -5.79
CA TRP B 262 19.38 -43.98 -5.79
C TRP B 262 19.03 -44.54 -7.14
N VAL B 263 18.31 -45.66 -7.11
CA VAL B 263 17.86 -46.38 -8.30
C VAL B 263 16.34 -46.49 -8.34
N CYS B 264 15.78 -46.61 -9.55
CA CYS B 264 14.36 -46.81 -9.75
C CYS B 264 13.88 -47.98 -8.91
N PRO B 265 12.83 -47.79 -8.07
CA PRO B 265 12.35 -48.90 -7.23
C PRO B 265 11.85 -50.11 -8.01
N LEU B 266 11.48 -49.95 -9.30
CA LEU B 266 11.02 -51.07 -10.10
C LEU B 266 12.14 -51.74 -10.93
N CYS B 267 12.75 -51.03 -11.89
CA CYS B 267 13.77 -51.66 -12.73
C CYS B 267 15.23 -51.52 -12.23
N GLY B 268 15.49 -50.61 -11.29
CA GLY B 268 16.83 -50.43 -10.74
C GLY B 268 17.82 -49.60 -11.53
N VAL B 269 17.35 -48.83 -12.53
CA VAL B 269 18.21 -47.94 -13.32
C VAL B 269 18.49 -46.64 -12.51
N GLY B 270 19.44 -45.83 -12.98
CA GLY B 270 19.81 -44.58 -12.31
C GLY B 270 18.99 -43.36 -12.66
N LYS B 271 19.13 -42.29 -11.84
CA LYS B 271 18.43 -40.99 -11.98
C LYS B 271 18.53 -40.39 -13.38
N ASP B 272 19.62 -40.66 -14.09
CA ASP B 272 19.91 -40.19 -15.45
C ASP B 272 18.88 -40.70 -16.46
N GLN B 273 18.21 -41.82 -16.13
CA GLN B 273 17.16 -42.47 -16.94
C GLN B 273 15.77 -41.87 -16.67
N PHE B 274 15.68 -40.88 -15.77
CA PHE B 274 14.42 -40.25 -15.40
C PHE B 274 14.15 -38.98 -16.19
N GLU B 275 12.95 -38.90 -16.77
CA GLU B 275 12.48 -37.79 -17.59
C GLU B 275 11.46 -36.98 -16.79
N GLU B 276 11.50 -35.66 -16.94
CA GLU B 276 10.63 -34.71 -16.28
C GLU B 276 9.17 -34.89 -16.81
N VAL B 277 8.19 -34.86 -15.90
CA VAL B 277 6.75 -35.01 -16.25
C VAL B 277 6.14 -33.61 -16.46
N GLU B 278 5.31 -33.43 -17.51
CA GLU B 278 4.69 -32.14 -17.81
C GLU B 278 3.72 -31.74 -16.70
N GLU B 279 3.80 -30.46 -16.28
CA GLU B 279 2.98 -29.86 -15.24
C GLU B 279 1.51 -30.30 -15.33
N GLU B 280 1.03 -30.94 -14.27
CA GLU B 280 -0.34 -31.42 -14.20
C GLU B 280 -1.24 -30.40 -13.51
N LYS B 281 -0.75 -29.77 -12.42
CA LYS B 281 -1.50 -28.81 -11.62
C LYS B 281 -1.77 -27.50 -12.37
N LYS B 282 -3.07 -27.13 -12.49
CA LYS B 282 -3.53 -25.91 -13.17
C LYS B 282 -2.95 -24.63 -12.56
N ARG B 283 -2.93 -24.50 -11.20
CA ARG B 283 -2.36 -23.34 -10.52
C ARG B 283 -0.89 -23.08 -10.91
N HIS B 284 -0.14 -24.18 -11.18
CA HIS B 284 1.24 -24.15 -11.63
C HIS B 284 1.27 -23.81 -13.12
N ARG B 285 0.36 -24.38 -13.93
CA ARG B 285 0.24 -24.11 -15.37
C ARG B 285 -0.05 -22.62 -15.68
N ASP B 286 -0.78 -21.95 -14.76
CA ASP B 286 -1.19 -20.54 -14.83
C ASP B 286 -0.02 -19.56 -14.65
N VAL B 287 1.11 -20.03 -14.07
CA VAL B 287 2.32 -19.22 -13.83
C VAL B 287 2.93 -18.67 -15.16
N ARG B 288 2.88 -19.44 -16.27
CA ARG B 288 3.44 -19.04 -17.57
C ARG B 288 2.87 -17.74 -18.11
N LEU B 289 1.54 -17.59 -18.03
CA LEU B 289 0.84 -16.40 -18.53
C LEU B 289 1.24 -15.13 -17.78
N ILE B 290 1.10 -15.17 -16.43
CA ILE B 290 1.33 -14.05 -15.52
C ILE B 290 2.79 -13.63 -15.57
N PHE B 291 3.71 -14.59 -15.80
CA PHE B 291 5.14 -14.31 -15.94
C PHE B 291 5.41 -13.67 -17.32
N THR B 292 4.69 -14.12 -18.36
CA THR B 292 4.80 -13.57 -19.72
C THR B 292 4.31 -12.09 -19.71
N ILE B 293 3.17 -11.81 -19.03
CA ILE B 293 2.60 -10.46 -18.90
C ILE B 293 3.70 -9.49 -18.39
N MET B 294 4.41 -9.90 -17.30
CA MET B 294 5.48 -9.16 -16.63
C MET B 294 6.72 -8.98 -17.52
N ILE B 295 7.24 -10.07 -18.12
CA ILE B 295 8.44 -9.96 -18.96
C ILE B 295 8.18 -9.10 -20.19
N VAL B 296 6.96 -9.11 -20.73
CA VAL B 296 6.63 -8.30 -21.90
C VAL B 296 6.48 -6.83 -21.48
N TYR B 297 6.05 -6.55 -20.23
CA TYR B 297 5.98 -5.18 -19.70
C TYR B 297 7.37 -4.54 -19.70
N PHE B 298 8.39 -5.31 -19.29
CA PHE B 298 9.77 -4.84 -19.26
C PHE B 298 10.38 -4.65 -20.65
N LEU B 299 9.98 -5.44 -21.67
CA LEU B 299 10.53 -5.24 -23.03
C LEU B 299 10.05 -3.91 -23.60
N PHE B 300 8.85 -3.49 -23.20
CA PHE B 300 8.21 -2.27 -23.69
C PHE B 300 8.47 -1.03 -22.88
N TRP B 301 8.51 -1.17 -21.55
CA TRP B 301 8.64 -0.03 -20.66
C TRP B 301 9.99 0.17 -20.01
N ALA B 302 10.80 -0.92 -19.81
CA ALA B 302 12.15 -0.77 -19.24
C ALA B 302 13.04 0.15 -20.11
N PRO B 303 12.99 0.11 -21.47
CA PRO B 303 13.78 1.05 -22.27
C PRO B 303 13.56 2.52 -21.89
N TYR B 304 12.27 2.94 -21.72
CA TYR B 304 11.93 4.31 -21.32
C TYR B 304 12.47 4.70 -19.96
N ASN B 305 12.32 3.83 -18.95
CA ASN B 305 12.76 4.06 -17.58
C ASN B 305 14.27 4.30 -17.48
N ILE B 306 15.07 3.56 -18.28
CA ILE B 306 16.53 3.69 -18.33
C ILE B 306 16.92 5.01 -19.01
N VAL B 307 16.26 5.35 -20.15
CA VAL B 307 16.47 6.61 -20.87
C VAL B 307 16.08 7.80 -19.97
N LEU B 308 14.88 7.80 -19.36
CA LEU B 308 14.43 8.87 -18.44
C LEU B 308 15.46 9.14 -17.31
N LEU B 309 15.92 8.07 -16.64
CA LEU B 309 16.91 8.11 -15.56
C LEU B 309 18.24 8.71 -16.08
N LEU B 310 18.67 8.29 -17.28
CA LEU B 310 19.88 8.75 -17.99
C LEU B 310 19.75 10.22 -18.41
N ASN B 311 18.56 10.64 -18.86
CA ASN B 311 18.26 11.98 -19.33
C ASN B 311 18.33 12.94 -18.15
N THR B 312 17.31 12.94 -17.28
CA THR B 312 17.17 13.79 -16.10
C THR B 312 18.45 13.88 -15.24
N PHE B 313 19.07 12.73 -14.90
CA PHE B 313 20.21 12.71 -14.00
C PHE B 313 21.60 12.72 -14.64
N GLN B 314 21.87 11.78 -15.57
CA GLN B 314 23.20 11.63 -16.19
C GLN B 314 23.62 12.86 -17.06
N GLU B 315 22.87 13.96 -16.99
CA GLU B 315 23.30 15.22 -17.63
C GLU B 315 24.37 15.84 -16.69
N PHE B 316 24.62 15.14 -15.56
CA PHE B 316 25.60 15.42 -14.51
C PHE B 316 26.48 14.17 -14.32
N PHE B 317 25.87 12.97 -14.26
CA PHE B 317 26.56 11.69 -14.05
C PHE B 317 27.23 11.11 -15.32
N GLY B 318 26.67 11.39 -16.49
CA GLY B 318 27.16 10.93 -17.78
C GLY B 318 27.60 12.03 -18.72
N LEU B 319 26.75 12.39 -19.71
CA LEU B 319 27.06 13.42 -20.71
C LEU B 319 26.01 14.54 -20.84
N ASN B 320 26.47 15.78 -21.11
CA ASN B 320 25.66 17.00 -21.22
C ASN B 320 25.82 17.76 -22.56
N ASN B 321 26.80 17.39 -23.41
CA ASN B 321 27.10 18.01 -24.71
C ASN B 321 25.89 18.10 -25.65
N CYS B 322 25.92 19.03 -26.64
CA CYS B 322 24.80 19.25 -27.58
C CYS B 322 24.38 18.02 -28.38
N SER B 323 25.31 17.09 -28.69
CA SER B 323 24.94 15.86 -29.40
C SER B 323 24.22 14.90 -28.43
N SER B 324 24.91 14.49 -27.32
CA SER B 324 24.40 13.58 -26.29
C SER B 324 23.05 14.02 -25.71
N SER B 325 22.91 15.31 -25.35
CA SER B 325 21.69 15.90 -24.79
C SER B 325 20.53 15.81 -25.79
N ASN B 326 20.78 16.06 -27.08
CA ASN B 326 19.74 15.99 -28.09
C ASN B 326 19.47 14.54 -28.54
N ARG B 327 20.46 13.66 -28.38
CA ARG B 327 20.31 12.23 -28.71
C ARG B 327 19.44 11.56 -27.63
N LEU B 328 19.66 11.93 -26.35
CA LEU B 328 18.92 11.47 -25.16
C LEU B 328 17.45 11.85 -25.23
N ASP B 329 17.14 13.04 -25.79
CA ASP B 329 15.78 13.55 -25.98
C ASP B 329 15.02 12.80 -27.05
N GLN B 330 15.68 12.52 -28.20
CA GLN B 330 15.08 11.72 -29.27
C GLN B 330 14.97 10.24 -28.81
N ALA B 331 15.90 9.80 -27.93
CA ALA B 331 15.91 8.47 -27.31
C ALA B 331 14.67 8.30 -26.42
N MET B 332 14.37 9.34 -25.61
CA MET B 332 13.19 9.40 -24.72
C MET B 332 11.92 9.42 -25.56
N GLN B 333 11.91 10.22 -26.65
CA GLN B 333 10.76 10.34 -27.55
C GLN B 333 10.39 8.99 -28.18
N VAL B 334 11.41 8.21 -28.58
CA VAL B 334 11.23 6.89 -29.19
C VAL B 334 10.79 5.86 -28.15
N THR B 335 11.52 5.76 -27.00
CA THR B 335 11.25 4.78 -25.93
C THR B 335 9.89 4.96 -25.23
N GLU B 336 9.33 6.17 -25.23
CA GLU B 336 8.01 6.40 -24.65
C GLU B 336 6.92 5.96 -25.62
N THR B 337 7.18 6.11 -26.95
CA THR B 337 6.30 5.69 -28.04
C THR B 337 6.26 4.13 -28.06
N LEU B 338 7.38 3.46 -27.68
CA LEU B 338 7.44 2.00 -27.55
C LEU B 338 6.50 1.55 -26.42
N GLY B 339 6.61 2.21 -25.26
CA GLY B 339 5.82 1.92 -24.08
C GLY B 339 4.34 2.13 -24.29
N MET B 340 3.98 3.22 -24.96
CA MET B 340 2.60 3.58 -25.28
C MET B 340 1.93 2.41 -26.04
N THR B 341 2.67 1.82 -27.00
CA THR B 341 2.33 0.65 -27.83
C THR B 341 1.85 -0.56 -26.97
N HIS B 342 2.42 -0.73 -25.74
CA HIS B 342 2.10 -1.81 -24.79
C HIS B 342 0.62 -1.84 -24.32
N CYS B 343 -0.15 -0.76 -24.50
CA CYS B 343 -1.55 -0.74 -24.10
C CYS B 343 -2.44 -1.70 -24.94
N CYS B 344 -1.90 -2.21 -26.07
CA CYS B 344 -2.62 -3.13 -26.98
C CYS B 344 -2.07 -4.60 -26.99
N ILE B 345 -0.90 -4.83 -26.35
CA ILE B 345 -0.16 -6.10 -26.33
C ILE B 345 -0.75 -7.20 -25.41
N ASN B 346 -1.22 -6.88 -24.17
CA ASN B 346 -1.77 -7.87 -23.23
C ASN B 346 -2.87 -8.76 -23.80
N PRO B 347 -3.91 -8.26 -24.53
CA PRO B 347 -4.93 -9.19 -25.07
C PRO B 347 -4.35 -10.13 -26.15
N ILE B 348 -3.22 -9.75 -26.77
CA ILE B 348 -2.54 -10.60 -27.74
C ILE B 348 -1.83 -11.71 -26.95
N ILE B 349 -1.21 -11.40 -25.79
CA ILE B 349 -0.53 -12.37 -24.91
C ILE B 349 -1.50 -13.48 -24.50
N TYR B 350 -2.68 -13.10 -23.95
CA TYR B 350 -3.71 -14.03 -23.48
C TYR B 350 -4.15 -14.96 -24.58
N ALA B 351 -4.30 -14.44 -25.80
CA ALA B 351 -4.75 -15.22 -26.96
C ALA B 351 -3.82 -16.38 -27.31
N PHE B 352 -2.50 -16.20 -27.19
CA PHE B 352 -1.51 -17.23 -27.47
C PHE B 352 -1.04 -18.03 -26.25
N VAL B 353 -0.63 -17.33 -25.16
CA VAL B 353 -0.09 -17.91 -23.92
C VAL B 353 -1.19 -18.43 -22.99
N GLY B 354 -2.25 -17.64 -22.77
CA GLY B 354 -3.35 -18.01 -21.88
C GLY B 354 -4.11 -19.25 -22.33
N GLU B 355 -4.02 -20.35 -21.54
CA GLU B 355 -4.67 -21.65 -21.80
C GLU B 355 -6.17 -21.51 -21.89
N GLU B 356 -6.80 -20.94 -20.83
CA GLU B 356 -8.25 -20.69 -20.74
C GLU B 356 -8.71 -19.78 -21.87
N PHE B 357 -7.94 -18.72 -22.18
CA PHE B 357 -8.24 -17.77 -23.26
C PHE B 357 -8.13 -18.42 -24.66
N ARG B 358 -7.03 -19.16 -24.95
CA ARG B 358 -6.88 -19.81 -26.26
C ARG B 358 -7.94 -20.89 -26.45
N ASN B 359 -8.28 -21.64 -25.36
CA ASN B 359 -9.30 -22.70 -25.36
C ASN B 359 -10.67 -22.12 -25.61
N TYR B 360 -10.95 -20.90 -25.07
CA TYR B 360 -12.21 -20.17 -25.26
C TYR B 360 -12.37 -19.84 -26.75
N LEU B 361 -11.28 -19.36 -27.38
CA LEU B 361 -11.25 -18.97 -28.78
C LEU B 361 -11.31 -20.19 -29.69
N LEU B 362 -10.58 -21.28 -29.35
CA LEU B 362 -10.58 -22.52 -30.14
C LEU B 362 -11.98 -23.15 -30.20
N VAL B 363 -12.73 -23.10 -29.08
CA VAL B 363 -14.11 -23.61 -28.95
C VAL B 363 -15.09 -22.63 -29.64
N PHE B 364 -14.74 -21.31 -29.65
CA PHE B 364 -15.54 -20.27 -30.29
C PHE B 364 -15.55 -20.45 -31.82
N PHE B 365 -14.35 -20.61 -32.44
CA PHE B 365 -14.17 -20.82 -33.88
C PHE B 365 -14.89 -22.06 -34.40
N GLN B 366 -15.04 -23.08 -33.54
CA GLN B 366 -15.75 -24.32 -33.85
C GLN B 366 -17.24 -24.15 -33.44
N LYS B 367 -18.01 -23.50 -34.33
CA LYS B 367 -19.44 -23.19 -34.17
C LYS B 367 -20.13 -23.12 -35.53
ZN ZN C . 5.84 -36.30 20.79
N NO3 D . -5.79 11.53 13.80
O1 NO3 D . -6.83 12.08 14.12
O2 NO3 D . -5.46 11.28 12.66
O3 NO3 D . -4.95 11.23 14.79
C1 A4R E . -3.70 26.30 7.16
C2 A4R E . -3.47 24.84 6.82
N3 A4R E . -3.46 24.32 5.62
N4 A4R E . -3.20 23.03 5.76
C5 A4R E . -3.04 22.77 7.00
C6 A4R E . -2.73 21.32 7.53
C7 A4R E . -1.65 20.66 6.69
C8 A4R E . -3.96 20.46 7.44
N9 A4R E . -3.20 23.92 7.69
C10 A4R E . -3.14 24.19 9.00
C11 A4R E . -4.07 23.25 9.89
C12 A4R E . -3.75 23.56 11.39
C13 A4R E . -4.01 25.04 11.58
C14 A4R E . -2.63 25.63 11.42
C15 A4R E . -1.75 24.34 11.15
C16 A4R E . -1.60 24.22 9.65
N17 A4R E . -2.50 23.41 11.64
C18 A4R E . -2.28 23.26 12.97
C19 A4R E . -0.81 22.77 13.35
C20 A4R E . -0.62 22.59 14.87
N21 A4R E . 0.77 22.72 15.18
C22 A4R E . 1.20 23.86 15.99
O23 A4R E . 0.39 24.62 16.36
C24 A4R E . 2.66 24.09 16.37
C25 A4R E . 3.25 25.40 15.57
C26 A4R E . 4.38 25.64 16.27
C27 A4R E . 3.91 25.48 17.78
C28 A4R E . 2.73 24.43 17.68
C29 A4R E . -1.13 21.22 15.21
C30 A4R E . -2.22 20.97 16.06
C31 A4R E . -2.48 19.49 16.14
C32 A4R E . -1.55 18.78 15.33
S33 A4R E . -0.60 19.83 14.66
ZN ZN F . 12.36 -47.93 -13.73
N NO3 G . 0.41 -0.06 -19.60
O1 NO3 G . -0.66 0.49 -19.58
O2 NO3 G . 1.04 -0.31 -20.61
O3 NO3 G . 0.94 -0.38 -18.43
C1 A4R H . 2.53 14.56 -26.37
C2 A4R H . 2.73 13.08 -26.64
N3 A4R H . 2.77 12.51 -27.80
N4 A4R H . 2.98 11.20 -27.62
C5 A4R H . 3.07 10.99 -26.36
C6 A4R H . 3.30 9.57 -25.76
C7 A4R H . 4.57 8.93 -26.33
C8 A4R H . 2.12 8.68 -26.13
N9 A4R H . 2.91 12.17 -25.72
C10 A4R H . 2.92 12.48 -24.42
C11 A4R H . 1.94 11.64 -23.49
C12 A4R H . 2.33 11.89 -21.99
C13 A4R H . 2.11 13.37 -21.79
C14 A4R H . 3.46 13.96 -22.04
C15 A4R H . 4.32 12.64 -22.27
C16 A4R H . 4.47 12.41 -23.75
N17 A4R H . 3.58 11.76 -21.74
C18 A4R H . 3.83 11.81 -20.42
C19 A4R H . 5.24 11.13 -20.10
C20 A4R H . 5.44 10.86 -18.59
N21 A4R H . 6.81 11.04 -18.21
C22 A4R H . 7.17 12.19 -17.38
O23 A4R H . 6.32 12.92 -17.09
C24 A4R H . 8.59 12.48 -16.91
C25 A4R H . 9.25 13.77 -17.68
C26 A4R H . 10.37 13.99 -16.98
C27 A4R H . 9.90 13.76 -15.50
C28 A4R H . 8.58 12.90 -15.63
C29 A4R H . 5.11 9.42 -18.27
C30 A4R H . 4.22 9.01 -17.26
C31 A4R H . 4.13 7.50 -17.22
C32 A4R H . 4.99 6.95 -18.22
S33 A4R H . 5.69 8.13 -18.99
#